data_2HA7
#
_entry.id   2HA7
#
_cell.length_a   79.325
_cell.length_b   111.115
_cell.length_c   228.651
_cell.angle_alpha   90.00
_cell.angle_beta   90.00
_cell.angle_gamma   90.00
#
_symmetry.space_group_name_H-M   'P 21 21 21'
#
loop_
_entity.id
_entity.type
_entity.pdbx_description
1 polymer Acetylcholinesterase
2 non-polymer 'IODIDE ION'
3 non-polymer '2-(TRIMETHYLAMMONIUM)ETHYL THIOL'
4 non-polymer 'butanoic acid'
5 non-polymer 2-(BUTYRYLSULFANYL)-N,N,N-TRIMETHYLETHANAMINIUM
6 non-polymer 'HEXAETHYLENE GLYCOL'
7 water water
#
_entity_poly.entity_id   1
_entity_poly.type   'polypeptide(L)'
_entity_poly.pdbx_seq_one_letter_code
;EGREDPQLLVRVRGGQLRGIRLKAPGGPVSAFLGIPFAEPPVGSRRFMPPEPKRPWSGVLDATTFQNVCYQYVDTLYPGF
EGTEMWNPNRELSEDCLYLNVWTPYPRPASPTPVLIWIYGGGFYSGAASLDVYDGRFLAQVEGAVLVSMNYRVGTFGFLA
LPGSREAPGNVGLLDQRLALQWVQENIAAFGGDPMSVTLFGEAAGAASVGMHILSLPSRSLFHRAVLQSGTPNGPWATVS
AGEARRRATLLARLVGCPPGGAGGNDTELIACLRTRPAQDLVDHEWHVLPQESIFRFSFVPVVDGDFLSDTPEALINTGD
FQDLQVLVGVVKDEGSYFLVYGVPGFSKDNESLISRAQFLAGVRIGVPQASDLAAEAVVLHYTDWLHPEDPTHLRDAMSA
VVGDHNVVCPVAQLAGRLAAQGARVYAYIFEHRASTLTWPLWMGVPHGYEIEFIFGLPLDPSLNYTTEERIFAQRLMKYW
TNFARTGDPNDPRDSKSPQWPPYTTAAQQYVSLNLKPLEVRRGLRAQTCAFWNRFLPKLLSAT
;
_entity_poly.pdbx_strand_id   A,B
#
# COMPACT_ATOMS: atom_id res chain seq x y z
N GLU A 1 15.16 -30.15 -9.68
CA GLU A 1 14.57 -29.29 -8.60
C GLU A 1 15.60 -28.85 -7.55
N GLY A 2 16.80 -29.43 -7.63
CA GLY A 2 17.95 -28.97 -6.85
C GLY A 2 18.81 -28.10 -7.74
N ARG A 3 18.18 -27.12 -8.38
CA ARG A 3 18.83 -26.18 -9.32
C ARG A 3 19.01 -24.76 -8.76
N GLU A 4 18.67 -24.56 -7.49
CA GLU A 4 18.85 -23.24 -6.87
C GLU A 4 20.22 -23.07 -6.23
N ASP A 5 20.55 -21.82 -5.88
CA ASP A 5 21.88 -21.47 -5.45
C ASP A 5 22.20 -22.09 -4.08
N PRO A 6 23.12 -23.07 -4.06
CA PRO A 6 23.47 -23.81 -2.83
C PRO A 6 23.81 -22.91 -1.63
N GLN A 7 24.25 -21.69 -1.90
CA GLN A 7 24.68 -20.77 -0.84
C GLN A 7 23.52 -19.98 -0.22
N LEU A 8 22.31 -20.14 -0.74
CA LEU A 8 21.17 -19.42 -0.21
C LEU A 8 20.20 -20.28 0.61
N LEU A 9 20.57 -21.54 0.82
CA LEU A 9 19.71 -22.45 1.58
C LEU A 9 20.27 -22.69 2.98
N VAL A 10 19.58 -22.18 3.99
CA VAL A 10 20.04 -22.28 5.38
C VAL A 10 18.87 -22.75 6.27
N ARG A 11 19.19 -23.53 7.31
CA ARG A 11 18.20 -24.00 8.29
C ARG A 11 18.33 -23.26 9.62
N VAL A 12 17.21 -22.82 10.18
CA VAL A 12 17.16 -22.26 11.53
C VAL A 12 16.27 -23.10 12.46
N ARG A 13 16.19 -22.74 13.74
CA ARG A 13 15.36 -23.49 14.72
C ARG A 13 13.93 -23.75 14.23
N GLY A 14 13.42 -22.80 13.45
CA GLY A 14 12.06 -22.88 12.94
C GLY A 14 11.88 -23.58 11.62
N GLY A 15 12.97 -23.78 10.88
CA GLY A 15 12.90 -24.53 9.62
C GLY A 15 13.86 -24.03 8.58
N GLN A 16 13.58 -24.38 7.32
CA GLN A 16 14.44 -24.04 6.19
C GLN A 16 14.10 -22.70 5.58
N LEU A 17 15.14 -21.94 5.21
CA LEU A 17 14.98 -20.63 4.57
C LEU A 17 15.66 -20.59 3.20
N ARG A 18 15.08 -19.82 2.28
CA ARG A 18 15.72 -19.49 1.01
C ARG A 18 16.00 -17.99 0.95
N GLY A 19 17.27 -17.62 0.89
CA GLY A 19 17.68 -16.21 0.78
C GLY A 19 17.90 -15.74 -0.64
N ILE A 20 18.36 -14.50 -0.77
CA ILE A 20 18.62 -13.90 -2.08
C ILE A 20 20.06 -13.36 -2.19
N ARG A 21 20.64 -13.53 -3.36
CA ARG A 21 21.95 -12.98 -3.66
C ARG A 21 21.79 -11.52 -4.14
N LEU A 22 22.29 -10.58 -3.35
CA LEU A 22 22.16 -9.17 -3.70
C LEU A 22 23.44 -8.63 -4.31
N LYS A 23 23.30 -7.63 -5.18
CA LYS A 23 24.45 -6.95 -5.77
C LYS A 23 24.89 -5.81 -4.86
N ALA A 24 26.21 -5.68 -4.67
CA ALA A 24 26.79 -4.55 -3.95
C ALA A 24 28.00 -4.09 -4.74
N PRO A 25 28.29 -2.78 -4.73
CA PRO A 25 29.37 -2.24 -5.57
C PRO A 25 30.62 -3.12 -5.66
N GLY A 26 31.06 -3.68 -4.54
CA GLY A 26 32.30 -4.49 -4.51
C GLY A 26 32.13 -5.98 -4.76
N GLY A 27 30.88 -6.44 -4.93
CA GLY A 27 30.58 -7.86 -5.10
C GLY A 27 29.28 -8.28 -4.44
N PRO A 28 28.92 -9.58 -4.54
CA PRO A 28 27.61 -9.99 -4.04
C PRO A 28 27.56 -10.18 -2.53
N VAL A 29 26.37 -10.02 -1.96
CA VAL A 29 26.09 -10.37 -0.56
C VAL A 29 24.89 -11.32 -0.44
N SER A 30 24.77 -11.98 0.71
CA SER A 30 23.68 -12.88 1.01
C SER A 30 22.68 -12.16 1.91
N ALA A 31 21.40 -12.26 1.56
CA ALA A 31 20.38 -11.59 2.34
C ALA A 31 19.27 -12.58 2.64
N PHE A 32 18.84 -12.61 3.90
CA PHE A 32 17.71 -13.42 4.31
C PHE A 32 16.69 -12.48 4.95
N LEU A 33 15.73 -12.02 4.16
CA LEU A 33 14.80 -10.98 4.60
C LEU A 33 13.46 -11.56 5.04
N GLY A 34 12.83 -10.96 6.05
CA GLY A 34 11.53 -11.43 6.51
C GLY A 34 11.48 -12.79 7.23
N ILE A 35 12.53 -13.13 7.98
CA ILE A 35 12.51 -14.33 8.81
C ILE A 35 11.61 -14.09 10.05
N PRO A 36 10.56 -14.91 10.22
CA PRO A 36 9.69 -14.67 11.39
C PRO A 36 10.34 -15.14 12.66
N PHE A 37 10.32 -14.32 13.71
CA PHE A 37 10.92 -14.71 14.98
C PHE A 37 9.92 -14.84 16.14
N ALA A 38 8.64 -14.60 15.85
CA ALA A 38 7.60 -14.65 16.87
C ALA A 38 6.27 -15.04 16.25
N GLU A 39 5.38 -15.61 17.06
CA GLU A 39 4.01 -15.75 16.64
C GLU A 39 3.47 -14.33 16.36
N PRO A 40 2.66 -14.18 15.30
CA PRO A 40 2.14 -12.86 14.98
C PRO A 40 1.32 -12.32 16.17
N PRO A 41 1.64 -11.13 16.65
CA PRO A 41 0.98 -10.64 17.86
C PRO A 41 -0.41 -10.03 17.57
N VAL A 42 -1.31 -10.84 17.01
CA VAL A 42 -2.63 -10.36 16.56
C VAL A 42 -3.78 -10.87 17.43
N GLY A 43 -4.94 -10.23 17.32
CA GLY A 43 -6.15 -10.73 17.99
C GLY A 43 -6.03 -10.66 19.50
N SER A 44 -6.17 -11.82 20.16
CA SER A 44 -6.04 -11.89 21.62
C SER A 44 -4.61 -11.65 22.11
N ARG A 45 -3.67 -11.51 21.17
CA ARG A 45 -2.26 -11.33 21.53
C ARG A 45 -1.76 -9.88 21.46
N ARG A 46 -2.63 -8.96 21.04
CA ARG A 46 -2.33 -7.52 21.05
C ARG A 46 -2.00 -7.09 22.48
N PHE A 47 -0.99 -6.24 22.64
CA PHE A 47 -0.50 -5.79 23.98
C PHE A 47 0.26 -6.85 24.79
N MET A 48 0.16 -8.11 24.39
CA MET A 48 0.77 -9.21 25.12
C MET A 48 2.23 -9.44 24.69
N PRO A 49 3.09 -9.89 25.62
CA PRO A 49 4.49 -10.27 25.31
C PRO A 49 4.56 -11.23 24.12
N PRO A 50 5.65 -11.18 23.34
CA PRO A 50 5.79 -12.09 22.21
C PRO A 50 6.08 -13.54 22.63
N GLU A 51 5.53 -14.47 21.86
CA GLU A 51 5.75 -15.91 22.03
C GLU A 51 6.62 -16.32 20.84
N PRO A 52 7.58 -17.25 21.07
CA PRO A 52 8.48 -17.72 20.01
C PRO A 52 7.72 -18.26 18.79
N LYS A 53 8.26 -18.04 17.59
CA LYS A 53 7.64 -18.52 16.36
C LYS A 53 7.55 -20.04 16.37
N ARG A 54 6.38 -20.57 16.00
CA ARG A 54 6.22 -22.01 15.90
C ARG A 54 6.80 -22.50 14.57
N PRO A 55 7.53 -23.63 14.59
CA PRO A 55 8.21 -24.11 13.38
C PRO A 55 7.28 -24.29 12.18
N TRP A 56 7.79 -23.98 10.98
CA TRP A 56 7.08 -24.16 9.72
C TRP A 56 7.58 -25.37 8.93
N SER A 57 6.77 -25.80 7.96
CA SER A 57 7.18 -26.91 7.11
C SER A 57 7.65 -26.40 5.76
N GLY A 58 8.62 -27.10 5.17
CA GLY A 58 9.16 -26.72 3.87
C GLY A 58 10.03 -25.48 3.94
N VAL A 59 10.32 -24.93 2.77
CA VAL A 59 11.28 -23.85 2.63
C VAL A 59 10.55 -22.52 2.61
N LEU A 60 10.80 -21.70 3.63
CA LEU A 60 10.22 -20.37 3.70
C LEU A 60 10.99 -19.42 2.80
N ASP A 61 10.28 -18.73 1.92
CA ASP A 61 10.93 -17.72 1.12
C ASP A 61 11.35 -16.51 1.95
N ALA A 62 12.64 -16.23 1.95
CA ALA A 62 13.17 -15.09 2.71
C ALA A 62 13.89 -14.12 1.78
N THR A 63 13.23 -13.78 0.68
CA THR A 63 13.83 -12.95 -0.36
C THR A 63 13.29 -11.52 -0.41
N THR A 64 12.27 -11.21 0.39
CA THR A 64 11.68 -9.87 0.43
C THR A 64 11.45 -9.43 1.87
N PHE A 65 11.43 -8.12 2.11
CA PHE A 65 11.10 -7.59 3.43
C PHE A 65 9.66 -7.90 3.76
N GLN A 66 9.37 -8.06 5.04
CA GLN A 66 8.01 -8.29 5.47
C GLN A 66 7.32 -6.99 5.86
N ASN A 67 6.06 -7.13 6.28
CA ASN A 67 5.26 -6.02 6.77
C ASN A 67 5.97 -5.19 7.82
N VAL A 68 5.63 -3.90 7.81
CA VAL A 68 6.07 -2.94 8.80
C VAL A 68 4.99 -2.89 9.91
N CYS A 69 5.42 -2.72 11.15
CA CYS A 69 4.49 -2.70 12.28
C CYS A 69 3.52 -1.50 12.21
N TYR A 70 2.23 -1.76 12.48
CA TYR A 70 1.21 -0.72 12.35
C TYR A 70 1.60 0.57 13.06
N GLN A 71 1.43 1.71 12.39
CA GLN A 71 1.97 2.96 12.92
C GLN A 71 1.42 4.21 12.23
N TYR A 72 1.60 5.34 12.90
CA TYR A 72 1.34 6.66 12.35
C TYR A 72 2.26 6.93 11.16
N VAL A 73 1.68 7.42 10.06
CA VAL A 73 2.43 7.79 8.86
C VAL A 73 2.47 9.31 8.73
N ASP A 74 3.67 9.86 8.48
CA ASP A 74 3.87 11.32 8.44
C ASP A 74 3.23 12.01 7.24
N THR A 75 2.54 13.12 7.51
CA THR A 75 1.85 13.89 6.47
C THR A 75 2.18 15.39 6.45
N LEU A 76 3.16 15.81 7.25
CA LEU A 76 3.58 17.23 7.25
C LEU A 76 3.94 17.72 5.84
N TYR A 77 4.96 17.11 5.22
CA TYR A 77 5.34 17.48 3.85
C TYR A 77 5.26 16.27 2.91
N PRO A 78 4.07 16.00 2.36
CA PRO A 78 3.87 14.82 1.49
C PRO A 78 4.64 14.89 0.16
N GLY A 79 5.30 13.78 -0.20
CA GLY A 79 6.10 13.71 -1.44
C GLY A 79 7.54 14.21 -1.29
N PHE A 80 7.86 14.70 -0.09
CA PHE A 80 9.13 15.33 0.17
C PHE A 80 10.15 14.31 0.73
N GLU A 81 11.27 14.17 0.03
CA GLU A 81 12.28 13.16 0.36
C GLU A 81 12.72 13.19 1.84
N GLY A 82 12.77 14.39 2.40
CA GLY A 82 13.21 14.58 3.78
C GLY A 82 12.37 13.83 4.80
N THR A 83 11.09 13.62 4.50
CA THR A 83 10.20 12.89 5.40
C THR A 83 9.88 11.47 4.89
N GLU A 84 9.76 11.33 3.57
CA GLU A 84 9.39 10.04 2.97
C GLU A 84 10.41 8.95 3.22
N MET A 85 11.69 9.31 3.35
CA MET A 85 12.71 8.29 3.62
C MET A 85 12.52 7.58 4.97
N TRP A 86 11.69 8.14 5.85
CA TRP A 86 11.46 7.53 7.17
C TRP A 86 10.12 6.81 7.24
N ASN A 87 9.28 7.04 6.24
CA ASN A 87 7.96 6.45 6.15
C ASN A 87 8.01 4.95 5.81
N PRO A 88 7.00 4.19 6.25
CA PRO A 88 6.96 2.76 5.94
C PRO A 88 7.05 2.48 4.45
N ASN A 89 7.83 1.46 4.08
CA ASN A 89 8.02 1.10 2.69
C ASN A 89 7.46 -0.28 2.36
N ARG A 90 6.74 -0.86 3.31
CA ARG A 90 5.98 -2.11 3.10
C ARG A 90 4.58 -1.99 3.73
N GLU A 91 3.67 -2.90 3.42
CA GLU A 91 2.33 -2.91 4.02
C GLU A 91 2.38 -2.80 5.55
N LEU A 92 1.47 -2.01 6.12
CA LEU A 92 1.31 -1.93 7.57
C LEU A 92 0.45 -3.08 8.10
N SER A 93 0.98 -3.81 9.08
CA SER A 93 0.23 -4.92 9.68
C SER A 93 0.68 -5.17 11.12
N GLU A 94 -0.23 -5.75 11.92
CA GLU A 94 0.11 -6.14 13.28
C GLU A 94 0.94 -7.40 13.23
N ASP A 95 0.79 -8.16 12.15
CA ASP A 95 1.64 -9.29 11.85
C ASP A 95 2.92 -8.70 11.28
N CYS A 96 3.89 -8.44 12.14
CA CYS A 96 5.07 -7.67 11.73
C CYS A 96 6.39 -8.05 12.40
N LEU A 97 6.38 -9.10 13.21
CA LEU A 97 7.57 -9.50 13.93
C LEU A 97 8.48 -10.39 13.06
N TYR A 98 9.33 -9.74 12.26
CA TYR A 98 10.24 -10.44 11.39
C TYR A 98 11.59 -9.77 11.51
N LEU A 99 12.66 -10.52 11.31
CA LEU A 99 13.99 -9.92 11.25
C LEU A 99 14.65 -10.18 9.89
N ASN A 100 15.80 -9.53 9.65
CA ASN A 100 16.54 -9.57 8.40
C ASN A 100 18.02 -9.86 8.69
N VAL A 101 18.68 -10.61 7.81
CA VAL A 101 20.09 -10.96 7.99
C VAL A 101 20.87 -10.71 6.69
N TRP A 102 21.98 -10.00 6.80
CA TRP A 102 22.91 -9.81 5.69
C TRP A 102 24.24 -10.46 6.06
N THR A 103 24.81 -11.20 5.12
CA THR A 103 26.10 -11.85 5.33
C THR A 103 26.94 -11.79 4.05
N PRO A 104 28.28 -11.88 4.17
CA PRO A 104 29.14 -12.04 3.00
C PRO A 104 28.69 -13.17 2.08
N TYR A 105 29.06 -13.08 0.80
CA TYR A 105 28.77 -14.13 -0.17
C TYR A 105 30.06 -14.59 -0.85
N PRO A 106 30.40 -15.88 -0.74
CA PRO A 106 29.69 -16.90 0.06
C PRO A 106 29.80 -16.62 1.56
N ARG A 107 28.96 -17.27 2.37
CA ARG A 107 29.03 -17.10 3.84
C ARG A 107 30.42 -17.41 4.35
N PRO A 108 30.89 -16.63 5.33
CA PRO A 108 32.27 -16.77 5.84
C PRO A 108 32.51 -18.13 6.51
N ALA A 109 33.69 -18.72 6.29
CA ALA A 109 33.99 -20.04 6.87
C ALA A 109 34.27 -19.99 8.39
N SER A 110 34.89 -18.90 8.85
CA SER A 110 35.22 -18.70 10.27
C SER A 110 34.24 -17.74 10.96
N PRO A 111 33.82 -18.04 12.21
CA PRO A 111 32.84 -17.28 13.00
C PRO A 111 33.07 -15.76 13.04
N THR A 112 32.04 -15.01 12.63
CA THR A 112 32.17 -13.60 12.30
C THR A 112 31.36 -12.72 13.26
N PRO A 113 31.96 -11.62 13.77
CA PRO A 113 31.28 -10.66 14.64
C PRO A 113 29.95 -10.14 14.08
N VAL A 114 28.96 -10.00 14.94
CA VAL A 114 27.57 -9.74 14.54
C VAL A 114 27.14 -8.37 15.01
N LEU A 115 26.65 -7.54 14.09
CA LEU A 115 26.08 -6.24 14.44
C LEU A 115 24.56 -6.34 14.38
N ILE A 116 23.88 -5.92 15.44
CA ILE A 116 22.41 -5.90 15.46
C ILE A 116 21.87 -4.46 15.53
N TRP A 117 21.05 -4.10 14.55
CA TRP A 117 20.49 -2.76 14.43
C TRP A 117 19.08 -2.64 15.01
N ILE A 118 18.85 -1.58 15.80
CA ILE A 118 17.53 -1.29 16.34
C ILE A 118 17.13 0.12 15.93
N TYR A 119 16.09 0.23 15.09
CA TYR A 119 15.71 1.52 14.53
C TYR A 119 15.07 2.47 15.55
N GLY A 120 15.17 3.76 15.26
CA GLY A 120 14.48 4.81 16.01
C GLY A 120 13.19 5.23 15.31
N GLY A 121 12.58 6.31 15.80
CA GLY A 121 11.22 6.71 15.40
C GLY A 121 10.30 6.99 16.60
N GLY A 122 10.88 7.44 17.71
CA GLY A 122 10.12 7.89 18.87
C GLY A 122 9.28 6.84 19.58
N PHE A 123 9.53 5.56 19.25
CA PHE A 123 8.72 4.44 19.76
C PHE A 123 7.31 4.35 19.15
N TYR A 124 7.00 5.21 18.16
CA TYR A 124 5.70 5.17 17.49
C TYR A 124 5.82 4.84 15.99
N SER A 125 7.06 4.72 15.51
CA SER A 125 7.28 4.51 14.09
C SER A 125 8.64 3.85 13.83
N GLY A 126 8.88 3.56 12.55
CA GLY A 126 10.15 2.94 12.15
C GLY A 126 9.98 1.54 11.59
N ALA A 127 11.03 1.06 10.96
CA ALA A 127 10.99 -0.22 10.23
C ALA A 127 12.41 -0.61 9.86
N ALA A 128 12.72 -1.90 9.99
CA ALA A 128 14.07 -2.36 9.65
C ALA A 128 14.28 -2.46 8.15
N SER A 129 13.26 -2.12 7.36
CA SER A 129 13.30 -2.33 5.91
C SER A 129 13.64 -1.09 5.07
N LEU A 130 13.78 0.06 5.74
CA LEU A 130 14.08 1.34 5.09
C LEU A 130 15.44 1.33 4.39
N ASP A 131 15.56 2.12 3.33
CA ASP A 131 16.77 2.16 2.51
C ASP A 131 18.03 2.55 3.31
N VAL A 132 17.88 3.44 4.28
CA VAL A 132 19.05 3.86 5.08
C VAL A 132 19.58 2.80 6.04
N TYR A 133 18.82 1.73 6.26
CA TYR A 133 19.29 0.65 7.14
C TYR A 133 19.76 -0.60 6.36
N ASP A 134 20.16 -0.39 5.10
CA ASP A 134 20.53 -1.47 4.21
C ASP A 134 21.90 -2.08 4.60
N GLY A 135 21.86 -3.33 5.05
CA GLY A 135 23.04 -4.01 5.55
C GLY A 135 24.05 -4.51 4.51
N ARG A 136 23.75 -4.31 3.23
CA ARG A 136 24.58 -4.91 2.17
C ARG A 136 26.01 -4.38 2.14
N PHE A 137 26.22 -3.10 2.47
CA PHE A 137 27.56 -2.47 2.40
C PHE A 137 28.48 -2.87 3.56
N LEU A 138 27.96 -2.89 4.79
CA LEU A 138 28.71 -3.40 5.93
C LEU A 138 29.03 -4.88 5.76
N ALA A 139 28.06 -5.65 5.25
CA ALA A 139 28.26 -7.07 4.93
C ALA A 139 29.36 -7.31 3.87
N GLN A 140 29.37 -6.52 2.80
CA GLN A 140 30.29 -6.76 1.69
C GLN A 140 31.68 -6.20 1.97
N VAL A 141 31.75 -4.94 2.40
CA VAL A 141 33.02 -4.23 2.57
C VAL A 141 33.74 -4.64 3.87
N GLU A 142 33.00 -4.77 4.96
CA GLU A 142 33.62 -5.11 6.25
C GLU A 142 33.53 -6.59 6.60
N GLY A 143 32.78 -7.37 5.82
CA GLY A 143 32.59 -8.79 6.11
C GLY A 143 31.71 -9.06 7.32
N ALA A 144 30.90 -8.08 7.70
CA ALA A 144 30.05 -8.17 8.89
C ALA A 144 28.81 -9.06 8.69
N VAL A 145 28.33 -9.68 9.76
CA VAL A 145 27.00 -10.23 9.76
C VAL A 145 26.10 -9.19 10.41
N LEU A 146 25.14 -8.68 9.63
CA LEU A 146 24.23 -7.66 10.15
C LEU A 146 22.81 -8.19 10.26
N VAL A 147 22.16 -7.85 11.37
CA VAL A 147 20.81 -8.28 11.65
C VAL A 147 20.00 -7.08 12.07
N SER A 148 18.79 -6.94 11.53
CA SER A 148 17.86 -5.94 12.02
C SER A 148 16.46 -6.56 12.22
N MET A 149 15.77 -6.13 13.27
CA MET A 149 14.45 -6.67 13.55
C MET A 149 13.36 -5.60 13.56
N ASN A 150 12.13 -5.99 13.21
CA ASN A 150 10.95 -5.17 13.48
C ASN A 150 10.54 -5.40 14.92
N TYR A 151 10.08 -4.35 15.59
CA TYR A 151 9.50 -4.47 16.92
C TYR A 151 8.26 -3.60 16.95
N ARG A 152 7.28 -3.95 17.78
CA ARG A 152 6.03 -3.21 17.84
C ARG A 152 6.24 -1.81 18.41
N VAL A 153 5.54 -0.85 17.82
CA VAL A 153 5.62 0.54 18.24
C VAL A 153 4.25 1.07 18.64
N GLY A 154 4.20 2.32 19.07
CA GLY A 154 2.97 2.97 19.49
C GLY A 154 2.22 2.14 20.52
N THR A 155 0.89 2.20 20.46
CA THR A 155 0.04 1.46 21.38
C THR A 155 0.37 -0.03 21.40
N PHE A 156 0.60 -0.59 20.22
CA PHE A 156 0.76 -2.03 20.07
C PHE A 156 2.02 -2.47 20.79
N GLY A 157 2.99 -1.57 20.83
CA GLY A 157 4.26 -1.85 21.45
C GLY A 157 4.35 -1.46 22.91
N PHE A 158 3.63 -0.42 23.33
CA PHE A 158 3.92 0.21 24.63
C PHE A 158 2.74 0.67 25.49
N LEU A 159 1.52 0.54 25.00
CA LEU A 159 0.35 0.82 25.81
C LEU A 159 0.38 -0.12 27.02
N ALA A 160 0.23 0.44 28.20
CA ALA A 160 0.42 -0.35 29.41
C ALA A 160 -0.59 -0.04 30.50
N LEU A 161 -1.12 -1.08 31.12
CA LEU A 161 -1.82 -0.92 32.37
C LEU A 161 -0.98 -1.62 33.43
N PRO A 162 0.03 -0.91 33.98
CA PRO A 162 1.04 -1.53 34.84
C PRO A 162 0.42 -2.36 35.95
N GLY A 163 0.96 -3.55 36.17
CA GLY A 163 0.43 -4.48 37.15
C GLY A 163 -0.48 -5.52 36.54
N SER A 164 -1.07 -5.21 35.38
CA SER A 164 -1.98 -6.15 34.73
C SER A 164 -1.26 -7.32 34.06
N ARG A 165 -2.03 -8.32 33.66
CA ARG A 165 -1.48 -9.49 32.98
C ARG A 165 -1.68 -9.31 31.49
N GLU A 166 -2.77 -8.61 31.14
CA GLU A 166 -3.25 -8.53 29.77
C GLU A 166 -2.52 -7.44 28.96
N ALA A 167 -1.89 -6.50 29.66
CA ALA A 167 -1.15 -5.41 29.04
C ALA A 167 -0.05 -4.91 29.99
N PRO A 168 1.03 -5.70 30.16
CA PRO A 168 2.05 -5.46 31.18
C PRO A 168 3.01 -4.31 30.87
N GLY A 169 3.08 -3.89 29.61
CA GLY A 169 4.02 -2.84 29.18
C GLY A 169 5.35 -3.35 28.63
N ASN A 170 6.08 -2.47 27.95
CA ASN A 170 7.39 -2.77 27.38
C ASN A 170 7.45 -3.97 26.42
N VAL A 171 6.35 -4.33 25.77
CA VAL A 171 6.37 -5.53 24.91
C VAL A 171 7.17 -5.31 23.61
N GLY A 172 7.29 -4.06 23.19
CA GLY A 172 8.16 -3.74 22.07
C GLY A 172 9.62 -3.99 22.38
N LEU A 173 10.00 -3.80 23.64
CA LEU A 173 11.34 -4.13 24.11
C LEU A 173 11.51 -5.65 24.17
N LEU A 174 10.45 -6.32 24.62
CA LEU A 174 10.37 -7.77 24.64
C LEU A 174 10.43 -8.39 23.23
N ASP A 175 9.89 -7.72 22.21
CA ASP A 175 10.11 -8.15 20.83
C ASP A 175 11.63 -8.11 20.51
N GLN A 176 12.26 -6.98 20.82
CA GLN A 176 13.70 -6.80 20.56
C GLN A 176 14.53 -7.86 21.29
N ARG A 177 14.16 -8.17 22.53
CA ARG A 177 14.87 -9.21 23.29
C ARG A 177 14.69 -10.61 22.69
N LEU A 178 13.50 -10.91 22.17
CA LEU A 178 13.24 -12.20 21.52
C LEU A 178 14.11 -12.37 20.28
N ALA A 179 14.26 -11.30 19.50
CA ALA A 179 15.15 -11.31 18.33
C ALA A 179 16.60 -11.41 18.75
N LEU A 180 16.97 -10.85 19.90
CA LEU A 180 18.32 -11.10 20.41
C LEU A 180 18.52 -12.58 20.79
N GLN A 181 17.49 -13.22 21.38
CA GLN A 181 17.55 -14.67 21.71
C GLN A 181 17.70 -15.49 20.41
N TRP A 182 16.90 -15.12 19.40
CA TRP A 182 16.96 -15.73 18.07
C TRP A 182 18.37 -15.70 17.49
N VAL A 183 19.10 -14.59 17.69
CA VAL A 183 20.48 -14.51 17.22
C VAL A 183 21.37 -15.53 17.98
N GLN A 184 21.24 -15.58 19.31
CA GLN A 184 22.04 -16.54 20.09
C GLN A 184 21.88 -17.96 19.55
N GLU A 185 20.64 -18.43 19.42
CA GLU A 185 20.39 -19.80 18.97
C GLU A 185 20.73 -20.04 17.49
N ASN A 186 20.52 -19.05 16.63
CA ASN A 186 20.51 -19.28 15.18
C ASN A 186 21.63 -18.73 14.30
N ILE A 187 22.25 -17.62 14.70
CA ILE A 187 23.19 -16.89 13.83
C ILE A 187 24.43 -17.67 13.35
N ALA A 188 24.80 -18.74 14.05
CA ALA A 188 25.92 -19.57 13.64
C ALA A 188 25.64 -20.30 12.33
N ALA A 189 24.37 -20.55 12.03
CA ALA A 189 23.95 -21.14 10.76
C ALA A 189 24.28 -20.22 9.56
N PHE A 190 24.51 -18.94 9.85
CA PHE A 190 24.79 -17.94 8.84
C PHE A 190 26.28 -17.58 8.82
N GLY A 191 27.05 -18.14 9.76
CA GLY A 191 28.46 -17.83 9.88
C GLY A 191 28.78 -16.77 10.93
N GLY A 192 27.76 -16.27 11.62
CA GLY A 192 27.95 -15.30 12.67
C GLY A 192 28.40 -15.91 14.00
N ASP A 193 29.08 -15.09 14.81
CA ASP A 193 29.60 -15.50 16.09
C ASP A 193 28.69 -15.03 17.23
N PRO A 194 27.97 -15.96 17.88
CA PRO A 194 27.05 -15.54 18.96
C PRO A 194 27.81 -14.97 20.16
N MET A 195 29.11 -15.26 20.22
CA MET A 195 29.95 -14.77 21.30
C MET A 195 30.55 -13.38 21.01
N SER A 196 30.23 -12.81 19.86
CA SER A 196 30.58 -11.42 19.57
C SER A 196 29.41 -10.70 18.89
N VAL A 197 28.54 -10.13 19.73
CA VAL A 197 27.33 -9.43 19.29
C VAL A 197 27.34 -8.00 19.83
N THR A 198 27.26 -7.03 18.92
CA THR A 198 27.22 -5.61 19.26
C THR A 198 25.86 -5.03 18.84
N LEU A 199 25.12 -4.47 19.79
CA LEU A 199 23.90 -3.76 19.46
C LEU A 199 24.24 -2.35 19.01
N PHE A 200 23.50 -1.82 18.04
CA PHE A 200 23.62 -0.41 17.71
C PHE A 200 22.29 0.15 17.22
N GLY A 201 22.04 1.43 17.53
CA GLY A 201 20.76 2.04 17.25
C GLY A 201 20.79 3.55 17.34
N GLU A 202 19.86 4.20 16.65
CA GLU A 202 19.79 5.66 16.67
C GLU A 202 18.45 6.13 17.26
N ALA A 203 18.47 7.30 17.93
CA ALA A 203 17.26 7.89 18.53
C ALA A 203 16.58 6.91 19.55
N ALA A 204 15.29 6.60 19.37
CA ALA A 204 14.64 5.55 20.22
C ALA A 204 15.31 4.17 20.12
N GLY A 205 16.09 3.93 19.07
CA GLY A 205 16.83 2.70 18.91
C GLY A 205 17.95 2.71 19.91
N ALA A 206 18.67 3.84 19.97
CA ALA A 206 19.70 4.07 20.99
C ALA A 206 19.17 3.88 22.40
N ALA A 207 18.01 4.45 22.70
CA ALA A 207 17.46 4.33 24.04
C ALA A 207 17.13 2.86 24.38
N SER A 208 16.62 2.15 23.38
CA SER A 208 16.38 0.71 23.48
C SER A 208 17.66 -0.05 23.78
N VAL A 209 18.76 0.28 23.09
CA VAL A 209 20.05 -0.36 23.35
C VAL A 209 20.37 -0.16 24.83
N GLY A 210 20.23 1.09 25.28
CA GLY A 210 20.48 1.48 26.65
C GLY A 210 19.63 0.73 27.63
N MET A 211 18.37 0.47 27.29
CA MET A 211 17.51 -0.30 28.19
C MET A 211 17.89 -1.76 28.27
N HIS A 212 18.44 -2.28 27.19
CA HIS A 212 19.00 -3.62 27.22
C HIS A 212 20.23 -3.70 28.09
N ILE A 213 21.00 -2.61 28.16
CA ILE A 213 22.14 -2.53 29.08
C ILE A 213 21.68 -2.57 30.54
N LEU A 214 20.50 -2.01 30.81
CA LEU A 214 20.04 -1.84 32.20
C LEU A 214 19.07 -2.93 32.65
N SER A 215 18.73 -3.83 31.74
CA SER A 215 17.80 -4.93 32.05
C SER A 215 18.53 -6.28 32.07
N LEU A 216 18.53 -6.91 33.24
CA LEU A 216 19.36 -8.08 33.51
C LEU A 216 19.22 -9.21 32.48
N PRO A 217 17.97 -9.67 32.20
CA PRO A 217 17.84 -10.78 31.24
C PRO A 217 18.35 -10.49 29.82
N SER A 218 18.62 -9.23 29.48
CA SER A 218 19.18 -8.87 28.17
C SER A 218 20.69 -8.92 28.17
N ARG A 219 21.30 -8.65 29.33
CA ARG A 219 22.75 -8.50 29.43
C ARG A 219 23.54 -9.71 28.92
N SER A 220 22.96 -10.91 28.98
CA SER A 220 23.65 -12.10 28.53
C SER A 220 23.50 -12.38 27.02
N LEU A 221 22.90 -11.44 26.29
CA LEU A 221 22.55 -11.63 24.88
C LEU A 221 23.38 -10.80 23.93
N PHE A 222 24.27 -9.97 24.47
CA PHE A 222 25.14 -9.10 23.67
C PHE A 222 26.38 -8.72 24.48
N HIS A 223 27.41 -8.21 23.82
CA HIS A 223 28.69 -7.95 24.48
C HIS A 223 29.13 -6.48 24.43
N ARG A 224 28.69 -5.75 23.41
CA ARG A 224 29.08 -4.35 23.23
C ARG A 224 27.91 -3.52 22.71
N ALA A 225 27.95 -2.22 22.90
CA ALA A 225 26.80 -1.38 22.59
C ALA A 225 27.20 -0.05 21.97
N VAL A 226 26.45 0.38 20.97
CA VAL A 226 26.60 1.68 20.36
C VAL A 226 25.28 2.47 20.45
N LEU A 227 25.34 3.69 21.01
CA LEU A 227 24.15 4.53 21.17
C LEU A 227 24.25 5.83 20.40
N GLN A 228 23.52 5.93 19.30
CA GLN A 228 23.59 7.11 18.43
C GLN A 228 22.43 8.06 18.71
N SER A 229 22.73 9.27 19.18
CA SER A 229 21.74 10.33 19.39
C SER A 229 20.54 9.87 20.23
N GLY A 230 20.80 9.18 21.33
CA GLY A 230 19.72 8.65 22.17
C GLY A 230 20.20 7.96 23.42
N THR A 231 19.34 7.94 24.45
CA THR A 231 19.71 7.41 25.76
C THR A 231 18.49 6.92 26.53
N PRO A 232 18.67 5.88 27.38
CA PRO A 232 17.53 5.41 28.21
C PRO A 232 17.08 6.46 29.24
N ASN A 233 18.02 7.25 29.76
CA ASN A 233 17.72 8.38 30.63
C ASN A 233 17.28 9.59 29.79
N GLY A 234 16.76 10.63 30.45
CA GLY A 234 16.24 11.80 29.73
C GLY A 234 14.71 11.93 29.81
N PRO A 235 14.15 13.00 29.21
CA PRO A 235 12.74 13.36 29.42
C PRO A 235 11.69 12.64 28.54
N TRP A 236 12.12 11.93 27.50
CA TRP A 236 11.16 11.35 26.55
C TRP A 236 11.18 9.83 26.49
N ALA A 237 12.26 9.19 26.93
CA ALA A 237 12.44 7.75 26.65
C ALA A 237 11.63 6.82 27.55
N THR A 238 11.21 7.30 28.71
CA THR A 238 10.41 6.49 29.62
C THR A 238 9.30 7.28 30.30
N VAL A 239 8.34 6.56 30.89
CA VAL A 239 7.29 7.16 31.69
C VAL A 239 7.07 6.34 32.98
N SER A 240 6.57 6.99 34.02
CA SER A 240 6.24 6.30 35.27
C SER A 240 5.08 5.32 35.07
N ALA A 241 4.95 4.36 35.96
CA ALA A 241 3.79 3.46 35.95
C ALA A 241 2.47 4.26 35.97
N GLY A 242 2.40 5.28 36.84
CA GLY A 242 1.21 6.10 36.98
C GLY A 242 0.82 6.84 35.70
N GLU A 243 1.82 7.38 35.00
CA GLU A 243 1.55 8.17 33.81
C GLU A 243 1.13 7.26 32.64
N ALA A 244 1.71 6.06 32.58
CA ALA A 244 1.38 5.08 31.56
C ALA A 244 -0.05 4.59 31.74
N ARG A 245 -0.47 4.42 33.00
CA ARG A 245 -1.86 4.04 33.31
C ARG A 245 -2.79 5.16 32.89
N ARG A 246 -2.39 6.40 33.19
CA ARG A 246 -3.16 7.58 32.83
C ARG A 246 -3.37 7.66 31.30
N ARG A 247 -2.29 7.50 30.54
CA ARG A 247 -2.38 7.60 29.09
C ARG A 247 -3.18 6.47 28.46
N ALA A 248 -3.03 5.26 29.01
CA ALA A 248 -3.74 4.08 28.52
C ALA A 248 -5.24 4.20 28.72
N THR A 249 -5.67 4.66 29.89
CA THR A 249 -7.10 4.74 30.14
C THR A 249 -7.73 5.90 29.38
N LEU A 250 -6.96 6.98 29.19
CA LEU A 250 -7.41 8.10 28.36
C LEU A 250 -7.64 7.65 26.91
N LEU A 251 -6.64 6.97 26.33
CA LEU A 251 -6.79 6.38 25.01
C LEU A 251 -8.06 5.52 24.92
N ALA A 252 -8.27 4.67 25.92
CA ALA A 252 -9.45 3.82 25.99
C ALA A 252 -10.76 4.62 25.89
N ARG A 253 -10.90 5.63 26.75
CA ARG A 253 -12.07 6.53 26.72
C ARG A 253 -12.28 7.11 25.30
N LEU A 254 -11.24 7.68 24.72
CA LEU A 254 -11.28 8.31 23.40
C LEU A 254 -11.71 7.41 22.23
N VAL A 255 -11.50 6.10 22.35
CA VAL A 255 -11.86 5.16 21.28
C VAL A 255 -13.15 4.38 21.53
N GLY A 256 -13.83 4.66 22.64
CA GLY A 256 -15.12 4.04 22.93
C GLY A 256 -15.10 2.93 23.96
N CYS A 257 -14.01 2.83 24.71
CA CYS A 257 -13.86 1.80 25.75
C CYS A 257 -13.87 2.45 27.14
N PRO A 258 -15.03 2.41 27.83
CA PRO A 258 -15.20 3.23 29.02
C PRO A 258 -14.81 2.46 30.30
N ASN A 265 -11.70 -2.57 36.73
CA ASN A 265 -11.11 -3.80 36.21
C ASN A 265 -10.35 -3.54 34.91
N ASP A 266 -9.10 -3.99 34.85
CA ASP A 266 -8.26 -3.86 33.66
C ASP A 266 -8.58 -4.85 32.55
N THR A 267 -8.99 -6.07 32.92
CA THR A 267 -9.37 -7.08 31.94
C THR A 267 -10.40 -6.55 30.96
N GLU A 268 -11.50 -5.99 31.49
CA GLU A 268 -12.60 -5.42 30.67
C GLU A 268 -12.09 -4.35 29.70
N LEU A 269 -11.25 -3.46 30.19
CA LEU A 269 -10.75 -2.34 29.40
C LEU A 269 -9.83 -2.83 28.28
N ILE A 270 -8.93 -3.74 28.59
CA ILE A 270 -8.02 -4.29 27.59
C ILE A 270 -8.79 -5.12 26.57
N ALA A 271 -9.71 -5.94 27.04
CA ALA A 271 -10.56 -6.72 26.12
C ALA A 271 -11.29 -5.85 25.10
N CYS A 272 -11.77 -4.68 25.54
CA CYS A 272 -12.46 -3.76 24.65
C CYS A 272 -11.46 -3.08 23.69
N LEU A 273 -10.29 -2.70 24.21
CA LEU A 273 -9.21 -2.21 23.34
C LEU A 273 -8.84 -3.21 22.23
N ARG A 274 -8.86 -4.50 22.55
CA ARG A 274 -8.47 -5.53 21.60
C ARG A 274 -9.50 -5.73 20.50
N THR A 275 -10.71 -5.24 20.73
CA THR A 275 -11.74 -5.28 19.69
C THR A 275 -11.74 -4.06 18.75
N ARG A 276 -10.92 -3.05 19.04
CA ARG A 276 -10.86 -1.88 18.15
C ARG A 276 -9.90 -2.12 16.98
N PRO A 277 -10.26 -1.60 15.79
CA PRO A 277 -9.41 -1.71 14.62
C PRO A 277 -8.09 -0.97 14.85
N ALA A 278 -7.00 -1.51 14.31
CA ALA A 278 -5.68 -0.90 14.48
C ALA A 278 -5.64 0.59 14.16
N GLN A 279 -6.30 0.99 13.09
CA GLN A 279 -6.20 2.37 12.63
C GLN A 279 -6.85 3.34 13.61
N ASP A 280 -7.90 2.90 14.31
CA ASP A 280 -8.52 3.73 15.35
C ASP A 280 -7.54 4.05 16.49
N LEU A 281 -6.76 3.08 16.92
CA LEU A 281 -5.79 3.33 17.98
C LEU A 281 -4.78 4.39 17.52
N VAL A 282 -4.24 4.22 16.31
CA VAL A 282 -3.28 5.19 15.76
C VAL A 282 -3.92 6.58 15.62
N ASP A 283 -5.14 6.64 15.11
CA ASP A 283 -5.86 7.92 14.94
C ASP A 283 -5.95 8.77 16.22
N HIS A 284 -5.81 8.13 17.38
CA HIS A 284 -6.03 8.80 18.68
C HIS A 284 -4.78 8.86 19.56
N GLU A 285 -3.72 8.20 19.12
CA GLU A 285 -2.44 8.13 19.80
C GLU A 285 -1.92 9.48 20.33
N TRP A 286 -1.91 10.50 19.49
CA TRP A 286 -1.33 11.79 19.89
C TRP A 286 -2.18 12.63 20.85
N HIS A 287 -3.45 12.26 21.03
CA HIS A 287 -4.37 13.03 21.87
C HIS A 287 -4.19 12.81 23.39
N VAL A 288 -3.26 11.96 23.79
CA VAL A 288 -3.10 11.65 25.21
C VAL A 288 -1.93 12.38 25.91
N LEU A 289 -1.14 13.13 25.15
CA LEU A 289 0.00 13.85 25.72
C LEU A 289 -0.47 14.96 26.64
N PRO A 290 0.14 15.07 27.84
CA PRO A 290 -0.33 15.99 28.88
C PRO A 290 -0.17 17.47 28.54
N GLN A 291 0.78 17.82 27.68
CA GLN A 291 1.02 19.22 27.29
C GLN A 291 1.14 19.36 25.76
N GLU A 292 1.04 20.59 25.27
CA GLU A 292 1.43 20.93 23.90
C GLU A 292 2.96 20.77 23.86
N SER A 293 3.47 19.94 22.97
CA SER A 293 4.90 19.60 23.04
C SER A 293 5.54 19.09 21.76
N ILE A 294 6.87 19.14 21.71
CA ILE A 294 7.66 18.45 20.68
C ILE A 294 8.66 17.56 21.40
N PHE A 295 9.17 16.55 20.69
CA PHE A 295 10.07 15.54 21.24
C PHE A 295 9.43 14.85 22.46
N ARG A 296 8.12 14.63 22.40
CA ARG A 296 7.43 13.76 23.37
C ARG A 296 6.55 12.79 22.60
N PHE A 297 6.49 11.55 23.08
CA PHE A 297 5.75 10.51 22.41
C PHE A 297 4.82 9.82 23.41
N SER A 298 3.66 9.38 22.94
CA SER A 298 2.62 8.93 23.85
C SER A 298 2.90 7.60 24.56
N PHE A 299 3.45 6.65 23.81
CA PHE A 299 3.61 5.30 24.31
C PHE A 299 5.05 4.88 24.18
N VAL A 300 5.73 4.87 25.32
CA VAL A 300 7.16 4.58 25.39
C VAL A 300 7.42 3.56 26.52
N PRO A 301 8.66 3.04 26.63
CA PRO A 301 9.04 2.20 27.77
C PRO A 301 8.56 2.76 29.09
N VAL A 302 8.10 1.87 29.96
CA VAL A 302 7.57 2.26 31.26
C VAL A 302 8.40 1.64 32.39
N VAL A 303 8.57 2.39 33.48
CA VAL A 303 9.29 1.90 34.64
C VAL A 303 8.31 1.03 35.48
N ASP A 304 8.38 -0.27 35.22
CA ASP A 304 7.38 -1.22 35.69
C ASP A 304 7.88 -2.06 36.87
N GLY A 305 9.13 -1.85 37.27
CA GLY A 305 9.79 -2.69 38.29
C GLY A 305 10.08 -4.12 37.83
N ASP A 306 9.95 -4.37 36.52
CA ASP A 306 10.18 -5.69 35.93
C ASP A 306 11.29 -5.62 34.86
N PHE A 307 10.97 -5.15 33.65
CA PHE A 307 12.00 -4.92 32.64
C PHE A 307 12.98 -3.85 33.10
N LEU A 308 12.44 -2.75 33.61
CA LEU A 308 13.23 -1.72 34.26
C LEU A 308 12.94 -1.77 35.74
N SER A 309 13.91 -2.23 36.54
CA SER A 309 13.68 -2.38 37.98
C SER A 309 13.57 -1.03 38.70
N ASP A 310 14.14 0.01 38.10
CA ASP A 310 14.02 1.37 38.63
C ASP A 310 14.17 2.35 37.45
N THR A 311 14.17 3.64 37.73
CA THR A 311 14.35 4.65 36.68
C THR A 311 15.71 4.48 36.03
N PRO A 312 15.81 4.71 34.71
CA PRO A 312 17.13 4.70 34.04
C PRO A 312 18.16 5.57 34.76
N GLU A 313 17.73 6.75 35.21
CA GLU A 313 18.56 7.66 36.01
C GLU A 313 19.16 7.00 37.27
N ALA A 314 18.37 6.21 37.99
CA ALA A 314 18.90 5.54 39.18
C ALA A 314 19.84 4.40 38.83
N LEU A 315 19.52 3.66 37.77
CA LEU A 315 20.29 2.48 37.38
C LEU A 315 21.68 2.81 36.80
N ILE A 316 21.81 3.94 36.12
CA ILE A 316 23.12 4.42 35.67
C ILE A 316 23.95 5.00 36.83
N ASN A 317 23.28 5.51 37.87
CA ASN A 317 23.98 6.06 39.04
C ASN A 317 24.53 4.99 39.98
N THR A 318 23.90 3.82 40.03
CA THR A 318 24.34 2.77 40.98
C THR A 318 24.81 1.44 40.36
N GLY A 319 24.71 1.30 39.05
CA GLY A 319 25.13 0.05 38.38
C GLY A 319 26.64 -0.16 38.38
N ASP A 320 27.07 -1.43 38.29
CA ASP A 320 28.48 -1.76 38.08
C ASP A 320 28.65 -2.08 36.60
N PHE A 321 29.44 -1.26 35.89
CA PHE A 321 29.60 -1.42 34.43
C PHE A 321 31.02 -1.74 33.98
N GLN A 322 31.78 -2.42 34.84
CA GLN A 322 33.19 -2.76 34.55
C GLN A 322 33.37 -3.54 33.25
N ASP A 323 32.47 -4.47 32.97
CA ASP A 323 32.60 -5.31 31.76
C ASP A 323 31.94 -4.73 30.50
N LEU A 324 31.79 -3.42 30.43
CA LEU A 324 31.05 -2.79 29.32
C LEU A 324 31.90 -1.88 28.43
N GLN A 325 31.83 -2.13 27.13
CA GLN A 325 32.38 -1.20 26.14
C GLN A 325 31.26 -0.51 25.38
N VAL A 326 31.31 0.81 25.34
CA VAL A 326 30.24 1.59 24.70
C VAL A 326 30.77 2.73 23.83
N LEU A 327 30.14 2.88 22.67
CA LEU A 327 30.39 4.01 21.79
C LEU A 327 29.10 4.86 21.77
N VAL A 328 29.23 6.17 22.05
CA VAL A 328 28.07 7.08 22.13
C VAL A 328 28.39 8.37 21.40
N GLY A 329 27.37 9.06 20.93
CA GLY A 329 27.59 10.32 20.26
C GLY A 329 26.35 11.05 19.82
N VAL A 330 26.54 12.24 19.26
CA VAL A 330 25.45 13.12 18.85
C VAL A 330 25.79 13.74 17.50
N VAL A 331 24.78 14.28 16.83
CA VAL A 331 25.00 15.07 15.62
C VAL A 331 25.03 16.57 15.98
N LYS A 332 25.46 17.41 15.05
CA LYS A 332 25.69 18.83 15.34
C LYS A 332 24.39 19.59 15.65
N ASP A 333 23.28 19.21 15.03
CA ASP A 333 22.03 19.96 15.23
C ASP A 333 20.88 19.02 15.58
N GLU A 334 20.91 18.49 16.80
CA GLU A 334 19.94 17.48 17.21
C GLU A 334 18.49 17.97 17.19
N GLY A 335 18.28 19.27 17.33
CA GLY A 335 16.96 19.76 17.62
C GLY A 335 16.17 20.33 16.45
N SER A 336 16.87 20.74 15.40
CA SER A 336 16.28 21.56 14.34
C SER A 336 15.10 20.88 13.66
N TYR A 337 15.23 19.58 13.46
CA TYR A 337 14.19 18.72 12.87
C TYR A 337 12.82 18.90 13.56
N PHE A 338 12.87 18.85 14.89
CA PHE A 338 11.69 18.83 15.74
C PHE A 338 10.91 20.14 15.76
N LEU A 339 11.58 21.24 15.42
CA LEU A 339 10.97 22.54 15.50
C LEU A 339 9.81 22.75 14.53
N VAL A 340 9.89 22.18 13.33
CA VAL A 340 8.88 22.38 12.27
C VAL A 340 7.61 21.55 12.51
N TYR A 341 7.65 20.70 13.55
CA TYR A 341 6.51 19.87 13.89
C TYR A 341 5.67 20.43 15.05
N GLY A 342 5.73 21.73 15.30
CA GLY A 342 4.94 22.26 16.40
C GLY A 342 5.32 23.60 17.01
N VAL A 343 6.47 24.16 16.64
CA VAL A 343 6.80 25.49 17.14
C VAL A 343 6.33 26.62 16.19
N PRO A 344 5.33 27.41 16.62
CA PRO A 344 4.90 28.50 15.74
C PRO A 344 6.11 29.34 15.32
N GLY A 345 6.21 29.61 14.02
CA GLY A 345 7.32 30.38 13.45
C GLY A 345 8.28 29.58 12.57
N PHE A 346 8.32 28.25 12.77
CA PHE A 346 9.27 27.36 12.10
C PHE A 346 8.71 26.57 10.91
N SER A 347 9.51 26.46 9.85
CA SER A 347 9.10 25.79 8.60
C SER A 347 10.32 25.34 7.79
N LYS A 348 10.14 24.34 6.93
CA LYS A 348 11.21 23.87 6.05
C LYS A 348 11.35 24.75 4.79
N ASP A 349 10.31 25.55 4.51
CA ASP A 349 10.19 26.30 3.24
C ASP A 349 10.66 27.75 3.32
N ASN A 350 10.94 28.21 4.54
CA ASN A 350 11.64 29.49 4.71
C ASN A 350 12.72 29.39 5.78
N GLU A 351 13.37 30.52 6.04
CA GLU A 351 14.57 30.58 6.86
C GLU A 351 14.26 30.57 8.37
N SER A 352 12.96 30.67 8.70
CA SER A 352 12.46 30.53 10.08
C SER A 352 13.10 31.50 11.11
N LEU A 353 13.34 32.73 10.66
CA LEU A 353 13.76 33.80 11.55
C LEU A 353 12.58 34.18 12.48
N ILE A 354 12.79 34.07 13.79
CA ILE A 354 11.73 34.29 14.77
C ILE A 354 12.00 35.46 15.73
N SER A 355 11.00 35.82 16.52
CA SER A 355 11.08 36.91 17.49
C SER A 355 11.31 36.40 18.93
N ARG A 356 11.57 37.32 19.86
CA ARG A 356 11.69 36.93 21.28
C ARG A 356 10.44 36.21 21.78
N ALA A 357 9.27 36.80 21.48
CA ALA A 357 8.00 36.21 21.90
C ALA A 357 7.89 34.79 21.37
N GLN A 358 8.24 34.60 20.11
CA GLN A 358 8.18 33.27 19.51
C GLN A 358 9.17 32.31 20.15
N PHE A 359 10.30 32.85 20.61
CA PHE A 359 11.30 32.07 21.33
C PHE A 359 10.80 31.62 22.69
N LEU A 360 10.24 32.54 23.49
CA LEU A 360 9.69 32.17 24.81
C LEU A 360 8.54 31.16 24.69
N ALA A 361 7.71 31.33 23.65
CA ALA A 361 6.59 30.43 23.39
C ALA A 361 7.07 29.04 22.99
N GLY A 362 8.12 28.99 22.17
CA GLY A 362 8.74 27.73 21.78
C GLY A 362 9.44 27.01 22.92
N VAL A 363 9.95 27.75 23.90
CA VAL A 363 10.59 27.13 25.07
C VAL A 363 9.56 26.36 25.92
N ARG A 364 8.34 26.91 26.06
CA ARG A 364 7.26 26.24 26.81
C ARG A 364 6.87 24.93 26.15
N ILE A 365 6.96 24.88 24.82
CA ILE A 365 6.62 23.70 24.05
C ILE A 365 7.78 22.70 24.03
N GLY A 366 8.99 23.22 23.89
CA GLY A 366 10.19 22.40 23.90
C GLY A 366 10.53 21.82 25.26
N VAL A 367 10.21 22.55 26.31
CA VAL A 367 10.46 22.08 27.67
C VAL A 367 9.10 22.05 28.37
N PRO A 368 8.21 21.12 27.96
CA PRO A 368 6.82 21.14 28.44
C PRO A 368 6.60 20.91 29.93
N GLN A 369 7.54 20.23 30.59
CA GLN A 369 7.40 20.00 32.04
C GLN A 369 7.85 21.15 32.92
N ALA A 370 8.40 22.20 32.32
CA ALA A 370 8.95 23.33 33.06
C ALA A 370 7.88 24.27 33.64
N SER A 371 8.07 24.68 34.89
CA SER A 371 7.32 25.80 35.46
C SER A 371 7.76 27.11 34.81
N ASP A 372 7.14 28.22 35.22
CA ASP A 372 7.51 29.55 34.75
C ASP A 372 8.96 29.94 35.12
N LEU A 373 9.36 29.62 36.35
CA LEU A 373 10.73 29.91 36.80
C LEU A 373 11.77 29.21 35.93
N ALA A 374 11.61 27.90 35.76
CA ALA A 374 12.54 27.10 34.99
C ALA A 374 12.64 27.57 33.54
N ALA A 375 11.51 27.99 32.97
CA ALA A 375 11.46 28.44 31.59
C ALA A 375 12.22 29.74 31.39
N GLU A 376 12.12 30.67 32.34
CA GLU A 376 12.92 31.88 32.26
C GLU A 376 14.41 31.58 32.49
N ALA A 377 14.71 30.62 33.36
CA ALA A 377 16.08 30.13 33.48
C ALA A 377 16.64 29.70 32.10
N VAL A 378 15.90 28.86 31.39
CA VAL A 378 16.26 28.41 30.04
C VAL A 378 16.47 29.59 29.09
N VAL A 379 15.48 30.47 29.04
CA VAL A 379 15.50 31.62 28.15
C VAL A 379 16.69 32.53 28.43
N LEU A 380 16.96 32.77 29.71
CA LEU A 380 18.01 33.69 30.09
C LEU A 380 19.37 33.08 29.77
N HIS A 381 19.50 31.77 30.01
CA HIS A 381 20.69 31.02 29.70
C HIS A 381 20.99 30.97 28.20
N TYR A 382 19.96 30.89 27.37
CA TYR A 382 20.16 30.74 25.94
C TYR A 382 20.15 32.04 25.15
N THR A 383 19.78 33.15 25.79
CA THR A 383 19.84 34.46 25.15
C THR A 383 21.29 34.88 24.96
N ASP A 384 21.59 35.50 23.82
CA ASP A 384 22.82 36.25 23.64
C ASP A 384 22.52 37.71 23.98
N TRP A 385 22.99 38.17 25.15
CA TRP A 385 22.59 39.48 25.67
C TRP A 385 23.24 40.68 24.94
N LEU A 386 24.05 40.36 23.93
CA LEU A 386 24.62 41.38 23.05
C LEU A 386 23.75 41.66 21.83
N HIS A 387 22.96 40.66 21.43
CA HIS A 387 21.97 40.80 20.36
C HIS A 387 20.72 40.00 20.75
N PRO A 388 20.06 40.39 21.87
CA PRO A 388 18.98 39.57 22.43
C PRO A 388 17.71 39.48 21.56
N GLU A 389 17.68 40.20 20.44
CA GLU A 389 16.50 40.29 19.56
C GLU A 389 16.80 39.85 18.13
N ASP A 390 17.99 39.32 17.91
CA ASP A 390 18.42 38.91 16.57
C ASP A 390 17.71 37.62 16.19
N PRO A 391 16.85 37.68 15.17
CA PRO A 391 16.05 36.52 14.79
C PRO A 391 16.84 35.29 14.35
N THR A 392 18.04 35.47 13.79
CA THR A 392 18.91 34.34 13.45
C THR A 392 19.42 33.66 14.71
N HIS A 393 19.93 34.44 15.66
CA HIS A 393 20.35 33.83 16.92
C HIS A 393 19.22 33.12 17.66
N LEU A 394 18.03 33.73 17.68
CA LEU A 394 16.87 33.17 18.37
C LEU A 394 16.41 31.85 17.75
N ARG A 395 16.42 31.78 16.43
CA ARG A 395 16.13 30.54 15.73
C ARG A 395 17.11 29.44 16.12
N ASP A 396 18.39 29.78 16.15
CA ASP A 396 19.44 28.80 16.45
C ASP A 396 19.41 28.38 17.92
N ALA A 397 19.13 29.32 18.82
CA ALA A 397 19.00 28.99 20.24
C ALA A 397 17.81 28.04 20.51
N MET A 398 16.71 28.25 19.81
CA MET A 398 15.54 27.39 19.93
C MET A 398 15.87 25.95 19.54
N SER A 399 16.63 25.80 18.47
CA SER A 399 17.09 24.50 17.99
C SER A 399 18.03 23.88 19.04
N ALA A 400 18.93 24.70 19.57
CA ALA A 400 19.87 24.24 20.59
C ALA A 400 19.20 23.82 21.92
N VAL A 401 18.15 24.54 22.33
CA VAL A 401 17.39 24.20 23.53
C VAL A 401 16.82 22.78 23.44
N VAL A 402 16.09 22.51 22.35
CA VAL A 402 15.47 21.21 22.15
C VAL A 402 16.52 20.10 21.95
N GLY A 403 17.57 20.42 21.18
CA GLY A 403 18.70 19.52 20.97
C GLY A 403 19.39 19.15 22.26
N ASP A 404 19.72 20.15 23.08
CA ASP A 404 20.49 19.95 24.31
C ASP A 404 19.71 19.20 25.38
N HIS A 405 18.44 19.51 25.50
CA HIS A 405 17.62 19.00 26.59
C HIS A 405 17.22 17.54 26.37
N ASN A 406 17.01 17.16 25.11
CA ASN A 406 16.51 15.82 24.77
C ASN A 406 17.57 14.79 24.41
N VAL A 407 18.66 15.25 23.80
CA VAL A 407 19.69 14.36 23.32
C VAL A 407 21.06 14.64 23.92
N VAL A 408 21.60 15.83 23.67
CA VAL A 408 23.00 16.09 23.97
C VAL A 408 23.35 15.95 25.45
N CYS A 409 22.53 16.54 26.32
CA CYS A 409 22.85 16.49 27.74
C CYS A 409 22.55 15.13 28.43
N PRO A 410 21.43 14.47 28.07
CA PRO A 410 21.28 13.05 28.43
C PRO A 410 22.48 12.17 28.01
N VAL A 411 22.96 12.32 26.78
CA VAL A 411 24.19 11.62 26.36
C VAL A 411 25.39 11.96 27.26
N ALA A 412 25.60 13.25 27.52
CA ALA A 412 26.71 13.67 28.38
C ALA A 412 26.59 13.06 29.77
N GLN A 413 25.39 13.10 30.36
CA GLN A 413 25.16 12.43 31.63
C GLN A 413 25.49 10.92 31.53
N LEU A 414 24.96 10.25 30.50
CA LEU A 414 25.22 8.82 30.30
C LEU A 414 26.72 8.51 30.24
N ALA A 415 27.45 9.17 29.33
CA ALA A 415 28.90 8.97 29.20
C ALA A 415 29.63 9.16 30.54
N GLY A 416 29.26 10.21 31.28
CA GLY A 416 29.82 10.50 32.59
C GLY A 416 29.58 9.42 33.63
N ARG A 417 28.32 8.97 33.73
CA ARG A 417 27.98 7.98 34.73
C ARG A 417 28.58 6.60 34.44
N LEU A 418 28.55 6.18 33.18
CA LEU A 418 29.17 4.91 32.79
C LEU A 418 30.68 4.93 33.01
N ALA A 419 31.33 6.03 32.62
CA ALA A 419 32.77 6.16 32.81
C ALA A 419 33.15 6.13 34.30
N ALA A 420 32.33 6.75 35.14
CA ALA A 420 32.58 6.80 36.58
C ALA A 420 32.35 5.45 37.21
N GLN A 421 31.53 4.63 36.56
CA GLN A 421 31.16 3.31 37.05
C GLN A 421 31.93 2.15 36.37
N GLY A 422 33.02 2.47 35.68
CA GLY A 422 33.96 1.45 35.20
C GLY A 422 33.94 1.06 33.75
N ALA A 423 33.00 1.60 32.98
CA ALA A 423 32.87 1.31 31.55
C ALA A 423 34.00 1.88 30.72
N ARG A 424 34.20 1.32 29.53
CA ARG A 424 35.05 1.94 28.53
C ARG A 424 34.14 2.62 27.51
N VAL A 425 34.24 3.94 27.44
CA VAL A 425 33.32 4.78 26.67
C VAL A 425 34.09 5.54 25.59
N TYR A 426 33.55 5.57 24.37
CA TYR A 426 34.07 6.43 23.30
C TYR A 426 32.96 7.39 22.86
N ALA A 427 33.32 8.65 22.72
CA ALA A 427 32.35 9.70 22.47
C ALA A 427 32.65 10.46 21.18
N TYR A 428 31.61 10.76 20.40
CA TYR A 428 31.78 11.53 19.18
C TYR A 428 30.74 12.64 19.03
N ILE A 429 31.06 13.63 18.21
CA ILE A 429 30.06 14.54 17.65
C ILE A 429 30.19 14.44 16.12
N PHE A 430 29.09 14.13 15.44
CA PHE A 430 29.07 14.00 13.99
C PHE A 430 28.69 15.34 13.36
N GLU A 431 29.54 15.88 12.50
CA GLU A 431 29.37 17.26 12.03
C GLU A 431 29.24 17.45 10.52
N HIS A 432 29.07 16.37 9.77
CA HIS A 432 29.04 16.51 8.31
C HIS A 432 27.64 16.52 7.73
N ARG A 433 27.28 17.61 7.06
CA ARG A 433 26.01 17.71 6.34
C ARG A 433 26.13 17.02 4.97
N ALA A 434 25.34 15.98 4.77
CA ALA A 434 25.28 15.26 3.51
C ALA A 434 25.06 16.26 2.38
N SER A 435 25.79 16.09 1.29
CA SER A 435 25.60 16.95 0.11
C SER A 435 24.22 16.73 -0.53
N THR A 436 23.61 15.57 -0.26
CA THR A 436 22.33 15.19 -0.84
C THR A 436 21.11 15.57 0.01
N LEU A 437 21.34 16.25 1.14
CA LEU A 437 20.26 16.63 2.07
C LEU A 437 19.24 17.56 1.43
N THR A 438 17.96 17.29 1.69
CA THR A 438 16.87 18.06 1.08
C THR A 438 16.26 19.04 2.07
N TRP A 439 16.62 18.89 3.35
CA TRP A 439 16.23 19.84 4.39
C TRP A 439 17.00 21.13 4.15
N PRO A 440 16.40 22.29 4.53
CA PRO A 440 17.06 23.57 4.26
C PRO A 440 18.34 23.72 5.07
N LEU A 441 19.24 24.58 4.59
CA LEU A 441 20.54 24.80 5.21
C LEU A 441 20.51 25.17 6.70
N TRP A 442 19.54 25.97 7.13
CA TRP A 442 19.51 26.42 8.53
C TRP A 442 19.45 25.26 9.54
N MET A 443 18.91 24.13 9.10
CA MET A 443 18.76 22.97 9.98
C MET A 443 20.06 22.23 10.25
N GLY A 444 21.15 22.71 9.67
CA GLY A 444 22.48 22.15 9.92
C GLY A 444 22.58 20.68 9.61
N VAL A 445 23.05 19.90 10.58
CA VAL A 445 23.17 18.44 10.45
C VAL A 445 22.13 17.83 11.37
N PRO A 446 20.93 17.53 10.85
CA PRO A 446 19.81 17.18 11.70
C PRO A 446 19.84 15.75 12.27
N HIS A 447 19.06 15.55 13.33
CA HIS A 447 18.81 14.27 13.94
C HIS A 447 18.58 13.23 12.85
N GLY A 448 19.36 12.16 12.87
CA GLY A 448 19.17 11.04 11.95
C GLY A 448 20.08 11.00 10.73
N TYR A 449 20.83 12.06 10.47
CA TYR A 449 21.57 12.13 9.20
C TYR A 449 23.03 11.68 9.24
N GLU A 450 23.40 10.95 10.28
CA GLU A 450 24.69 10.24 10.29
C GLU A 450 24.49 8.80 9.85
N ILE A 451 23.27 8.30 10.01
CA ILE A 451 22.97 6.89 9.76
C ILE A 451 23.43 6.44 8.38
N GLU A 452 23.06 7.17 7.34
CA GLU A 452 23.36 6.78 5.96
C GLU A 452 24.88 6.63 5.72
N PHE A 453 25.68 7.36 6.49
CA PHE A 453 27.12 7.24 6.40
C PHE A 453 27.65 6.00 7.11
N ILE A 454 27.12 5.70 8.30
CA ILE A 454 27.50 4.51 9.07
C ILE A 454 27.19 3.23 8.30
N PHE A 455 26.08 3.22 7.57
CA PHE A 455 25.67 2.05 6.78
C PHE A 455 26.36 1.99 5.41
N GLY A 456 27.04 3.07 5.03
CA GLY A 456 27.85 3.08 3.83
C GLY A 456 27.10 3.35 2.54
N LEU A 457 25.93 3.97 2.63
CA LEU A 457 25.15 4.31 1.44
C LEU A 457 25.91 5.12 0.38
N PRO A 458 26.82 6.05 0.78
CA PRO A 458 27.58 6.78 -0.25
C PRO A 458 28.44 5.91 -1.18
N LEU A 459 28.66 4.66 -0.82
CA LEU A 459 29.46 3.73 -1.64
C LEU A 459 28.71 3.33 -2.92
N ASP A 460 27.40 3.54 -2.90
CA ASP A 460 26.55 3.29 -4.04
C ASP A 460 26.67 4.47 -5.01
N PRO A 461 27.17 4.22 -6.24
CA PRO A 461 27.46 5.36 -7.14
C PRO A 461 26.17 6.03 -7.64
N SER A 462 25.09 5.24 -7.71
CA SER A 462 23.82 5.73 -8.19
C SER A 462 23.12 6.68 -7.21
N LEU A 463 23.75 7.02 -6.08
CA LEU A 463 23.12 7.90 -5.08
C LEU A 463 23.63 9.36 -5.05
N ASN A 464 24.64 9.66 -5.86
CA ASN A 464 25.07 11.07 -6.08
C ASN A 464 25.83 11.75 -4.92
N TYR A 465 26.35 10.96 -3.98
CA TYR A 465 27.26 11.49 -2.95
C TYR A 465 28.61 11.83 -3.59
N THR A 466 29.36 12.78 -3.01
CA THR A 466 30.68 13.17 -3.52
C THR A 466 31.73 12.11 -3.21
N THR A 467 32.86 12.18 -3.91
CA THR A 467 33.96 11.23 -3.72
C THR A 467 34.51 11.25 -2.27
N GLU A 468 34.62 12.45 -1.70
CA GLU A 468 35.07 12.62 -0.32
C GLU A 468 34.11 11.92 0.65
N GLU A 469 32.82 11.98 0.35
CA GLU A 469 31.78 11.31 1.12
C GLU A 469 31.88 9.78 1.09
N ARG A 470 32.43 9.21 0.02
CA ARG A 470 32.73 7.79 -0.01
C ARG A 470 33.90 7.44 0.93
N ILE A 471 35.00 8.18 0.83
CA ILE A 471 36.17 7.99 1.70
C ILE A 471 35.75 8.12 3.18
N PHE A 472 34.83 9.05 3.43
CA PHE A 472 34.34 9.34 4.77
C PHE A 472 33.46 8.21 5.31
N ALA A 473 32.51 7.73 4.50
CA ALA A 473 31.68 6.59 4.89
C ALA A 473 32.52 5.34 5.18
N GLN A 474 33.55 5.12 4.37
CA GLN A 474 34.46 4.01 4.58
C GLN A 474 35.20 4.13 5.91
N ARG A 475 35.58 5.36 6.28
CA ARG A 475 36.21 5.58 7.58
C ARG A 475 35.30 5.18 8.75
N LEU A 476 34.05 5.68 8.73
CA LEU A 476 33.09 5.41 9.81
C LEU A 476 32.75 3.94 9.92
N MET A 477 32.57 3.28 8.78
CA MET A 477 32.30 1.85 8.77
C MET A 477 33.43 1.09 9.46
N LYS A 478 34.66 1.57 9.26
CA LYS A 478 35.81 0.98 9.94
C LYS A 478 35.80 1.23 11.45
N TYR A 479 35.55 2.47 11.88
CA TYR A 479 35.42 2.73 13.32
C TYR A 479 34.36 1.82 13.97
N TRP A 480 33.14 1.83 13.39
CA TRP A 480 32.02 1.04 13.91
C TRP A 480 32.32 -0.45 14.00
N THR A 481 32.90 -1.02 12.94
CA THR A 481 33.18 -2.47 12.90
C THR A 481 34.45 -2.86 13.66
N ASN A 482 35.42 -1.96 13.77
CA ASN A 482 36.56 -2.21 14.65
C ASN A 482 36.07 -2.32 16.08
N PHE A 483 35.18 -1.40 16.45
CA PHE A 483 34.57 -1.37 17.78
C PHE A 483 33.80 -2.66 18.07
N ALA A 484 32.98 -3.09 17.11
CA ALA A 484 32.23 -4.33 17.24
C ALA A 484 33.18 -5.50 17.49
N ARG A 485 34.26 -5.53 16.71
CA ARG A 485 35.22 -6.62 16.71
C ARG A 485 36.03 -6.71 18.01
N THR A 486 36.45 -5.56 18.54
CA THR A 486 37.49 -5.51 19.58
C THR A 486 37.12 -4.70 20.82
N GLY A 487 36.07 -3.90 20.74
CA GLY A 487 35.72 -2.96 21.80
C GLY A 487 36.49 -1.66 21.68
N ASP A 488 37.10 -1.44 20.51
CA ASP A 488 38.00 -0.30 20.28
C ASP A 488 37.85 0.18 18.83
N PRO A 489 37.45 1.46 18.62
CA PRO A 489 37.25 1.98 17.27
C PRO A 489 38.53 2.14 16.45
N ASN A 490 39.66 2.21 17.15
CA ASN A 490 40.95 2.49 16.51
C ASN A 490 41.51 1.30 15.75
N ASP A 491 42.17 1.60 14.63
CA ASP A 491 42.81 0.58 13.80
C ASP A 491 44.16 0.19 14.39
N PRO A 492 44.29 -1.08 14.84
CA PRO A 492 45.50 -1.62 15.47
C PRO A 492 46.79 -1.38 14.67
N ARG A 493 46.70 -1.47 13.34
CA ARG A 493 47.85 -1.23 12.44
C ARG A 493 48.23 0.25 12.41
N ASP A 494 47.27 1.05 11.95
CA ASP A 494 47.44 2.48 11.67
C ASP A 494 47.86 3.29 12.90
N SER A 495 49.12 3.73 12.88
CA SER A 495 49.67 4.54 13.96
C SER A 495 49.69 6.02 13.55
N LYS A 496 49.86 6.26 12.24
CA LYS A 496 49.90 7.62 11.67
C LYS A 496 48.56 8.38 11.84
N SER A 497 47.45 7.70 11.56
CA SER A 497 46.11 8.22 11.85
C SER A 497 45.99 8.69 13.28
N PRO A 498 45.31 9.82 13.50
CA PRO A 498 45.13 10.29 14.87
C PRO A 498 44.21 9.34 15.64
N GLN A 499 44.52 9.12 16.92
CA GLN A 499 43.79 8.15 17.74
C GLN A 499 42.52 8.73 18.35
N TRP A 500 41.59 7.84 18.71
CA TRP A 500 40.35 8.18 19.36
C TRP A 500 40.52 7.78 20.83
N PRO A 501 40.72 8.75 21.73
CA PRO A 501 40.85 8.37 23.14
C PRO A 501 39.48 8.07 23.78
N PRO A 502 39.46 7.15 24.77
CA PRO A 502 38.27 6.92 25.60
C PRO A 502 37.80 8.20 26.29
N TYR A 503 36.49 8.31 26.51
CA TYR A 503 35.91 9.37 27.32
C TYR A 503 36.09 9.09 28.82
N THR A 504 36.63 10.05 29.57
CA THR A 504 36.74 9.91 31.03
C THR A 504 36.09 11.10 31.74
N THR A 505 35.92 11.00 33.06
CA THR A 505 35.40 12.14 33.81
C THR A 505 36.46 13.24 33.98
N ALA A 506 37.71 12.85 34.13
CA ALA A 506 38.80 13.81 34.36
C ALA A 506 39.16 14.63 33.11
N ALA A 507 39.15 13.97 31.94
CA ALA A 507 39.58 14.63 30.71
C ALA A 507 38.42 14.92 29.73
N GLN A 508 37.31 14.22 29.88
CA GLN A 508 36.10 14.46 29.05
C GLN A 508 36.37 14.55 27.54
N GLN A 509 37.27 13.72 27.04
CA GLN A 509 37.65 13.71 25.62
C GLN A 509 36.63 13.02 24.70
N TYR A 510 36.41 13.63 23.53
CA TYR A 510 35.59 13.05 22.48
C TYR A 510 36.12 13.54 21.13
N VAL A 511 35.73 12.88 20.03
CA VAL A 511 36.26 13.26 18.71
C VAL A 511 35.21 13.84 17.79
N SER A 512 35.64 14.68 16.85
CA SER A 512 34.77 15.16 15.79
C SER A 512 34.78 14.18 14.62
N LEU A 513 33.62 13.97 14.02
CA LEU A 513 33.49 13.16 12.81
C LEU A 513 33.05 14.04 11.64
N ASN A 514 34.01 14.35 10.78
CA ASN A 514 33.78 15.15 9.56
C ASN A 514 34.78 14.75 8.47
N LEU A 515 34.85 15.53 7.39
CA LEU A 515 35.72 15.20 6.26
C LEU A 515 37.20 15.27 6.61
N LYS A 516 37.54 16.12 7.59
CA LYS A 516 38.90 16.24 8.10
C LYS A 516 39.24 15.04 9.00
N PRO A 517 40.54 14.74 9.18
CA PRO A 517 40.95 13.68 10.11
C PRO A 517 40.46 13.92 11.55
N LEU A 518 40.34 12.85 12.33
CA LEU A 518 39.88 12.95 13.73
C LEU A 518 40.54 14.09 14.52
N GLU A 519 39.72 14.86 15.21
CA GLU A 519 40.18 15.91 16.10
C GLU A 519 39.60 15.69 17.50
N VAL A 520 40.48 15.71 18.50
CA VAL A 520 40.10 15.52 19.90
C VAL A 520 39.66 16.85 20.51
N ARG A 521 38.43 16.86 21.02
CA ARG A 521 37.89 18.01 21.73
C ARG A 521 37.63 17.62 23.18
N ARG A 522 37.67 18.58 24.09
CA ARG A 522 37.45 18.26 25.49
C ARG A 522 36.17 18.88 26.03
N GLY A 523 35.37 18.08 26.74
CA GLY A 523 34.15 18.56 27.38
C GLY A 523 32.96 18.64 26.45
N LEU A 524 31.93 17.84 26.75
CA LEU A 524 30.78 17.68 25.87
C LEU A 524 29.65 18.63 26.28
N ARG A 525 29.63 19.82 25.67
CA ARG A 525 28.80 20.95 26.13
C ARG A 525 28.80 21.08 27.66
N ALA A 526 29.99 21.03 28.26
CA ALA A 526 30.13 20.94 29.72
C ALA A 526 29.36 22.01 30.51
N GLN A 527 29.55 23.28 30.16
CA GLN A 527 28.92 24.39 30.87
C GLN A 527 27.39 24.36 30.79
N THR A 528 26.87 24.22 29.58
CA THR A 528 25.44 24.15 29.31
C THR A 528 24.78 22.90 29.88
N CYS A 529 25.45 21.75 29.81
CA CYS A 529 24.88 20.51 30.33
C CYS A 529 24.84 20.47 31.86
N ALA A 530 25.69 21.28 32.50
CA ALA A 530 25.61 21.46 33.94
C ALA A 530 24.28 22.12 34.34
N PHE A 531 23.77 23.00 33.49
CA PHE A 531 22.47 23.60 33.72
C PHE A 531 21.35 22.55 33.67
N TRP A 532 21.27 21.80 32.56
CA TRP A 532 20.22 20.79 32.37
C TRP A 532 20.29 19.60 33.33
N ASN A 533 21.49 19.13 33.64
CA ASN A 533 21.64 17.91 34.44
C ASN A 533 21.78 18.13 35.95
N ARG A 534 22.27 19.30 36.34
CA ARG A 534 22.54 19.57 37.76
C ARG A 534 21.61 20.60 38.38
N PHE A 535 21.40 21.72 37.70
CA PHE A 535 20.62 22.81 38.29
C PHE A 535 19.12 22.63 38.11
N LEU A 536 18.69 22.45 36.86
CA LEU A 536 17.27 22.33 36.53
C LEU A 536 16.50 21.35 37.45
N PRO A 537 17.01 20.11 37.64
CA PRO A 537 16.31 19.22 38.56
C PRO A 537 16.04 19.89 39.90
N LYS A 538 17.10 20.36 40.56
CA LYS A 538 17.00 21.09 41.83
C LYS A 538 16.04 22.29 41.82
N LEU A 539 15.87 22.90 40.65
CA LEU A 539 14.94 24.02 40.49
C LEU A 539 13.49 23.54 40.40
N LEU A 540 13.29 22.43 39.69
CA LEU A 540 11.96 21.82 39.58
C LEU A 540 11.47 21.11 40.87
N SER A 541 12.41 20.73 41.74
CA SER A 541 12.09 20.13 43.06
C SER A 541 11.45 21.12 44.04
N ALA A 542 11.09 22.32 43.55
CA ALA A 542 10.47 23.35 44.37
C ALA A 542 9.70 24.36 43.50
N GLU B 4 7.19 -21.66 -42.26
CA GLU B 4 6.37 -21.81 -41.01
C GLU B 4 7.23 -21.61 -39.75
N ASP B 5 6.83 -20.63 -38.93
CA ASP B 5 7.45 -20.35 -37.64
C ASP B 5 6.90 -21.31 -36.57
N PRO B 6 7.77 -22.19 -36.01
CA PRO B 6 7.30 -23.19 -35.04
C PRO B 6 6.80 -22.62 -33.71
N GLN B 7 7.17 -21.38 -33.40
CA GLN B 7 6.65 -20.67 -32.23
C GLN B 7 5.18 -20.33 -32.40
N LEU B 8 4.72 -20.32 -33.66
CA LEU B 8 3.34 -19.93 -33.98
C LEU B 8 2.42 -21.14 -34.20
N LEU B 9 2.89 -22.32 -33.83
CA LEU B 9 2.09 -23.53 -33.92
C LEU B 9 1.79 -24.08 -32.53
N VAL B 10 0.51 -24.29 -32.25
CA VAL B 10 0.09 -24.80 -30.96
C VAL B 10 -0.93 -25.94 -31.14
N ARG B 11 -0.74 -27.01 -30.38
CA ARG B 11 -1.74 -28.05 -30.24
C ARG B 11 -2.55 -27.84 -28.95
N VAL B 12 -3.84 -27.56 -29.13
CA VAL B 12 -4.80 -27.51 -28.04
C VAL B 12 -5.67 -28.76 -28.15
N ARG B 13 -6.54 -29.01 -27.16
CA ARG B 13 -7.29 -30.26 -27.10
C ARG B 13 -8.13 -30.57 -28.35
N GLY B 14 -8.63 -29.52 -29.01
CA GLY B 14 -9.45 -29.68 -30.20
C GLY B 14 -8.70 -29.71 -31.52
N GLY B 15 -7.36 -29.65 -31.48
CA GLY B 15 -6.54 -29.67 -32.70
C GLY B 15 -5.46 -28.60 -32.77
N GLN B 16 -4.89 -28.43 -33.96
CA GLN B 16 -3.76 -27.51 -34.18
C GLN B 16 -4.19 -26.09 -34.58
N LEU B 17 -3.38 -25.10 -34.18
CA LEU B 17 -3.64 -23.69 -34.47
C LEU B 17 -2.40 -23.01 -35.02
N ARG B 18 -2.62 -22.01 -35.89
CA ARG B 18 -1.53 -21.18 -36.38
C ARG B 18 -1.82 -19.73 -36.01
N GLY B 19 -0.89 -19.13 -35.27
CA GLY B 19 -1.01 -17.73 -34.93
C GLY B 19 -0.23 -16.82 -35.86
N ILE B 20 -0.17 -15.55 -35.47
CA ILE B 20 0.52 -14.54 -36.24
C ILE B 20 1.43 -13.74 -35.33
N ARG B 21 2.66 -13.50 -35.77
CA ARG B 21 3.60 -12.67 -35.03
C ARG B 21 3.28 -11.20 -35.26
N LEU B 22 3.06 -10.47 -34.18
CA LEU B 22 2.80 -9.04 -34.24
C LEU B 22 4.01 -8.29 -33.70
N LYS B 23 4.26 -7.11 -34.25
CA LYS B 23 5.32 -6.26 -33.70
C LYS B 23 4.67 -5.38 -32.63
N ALA B 24 5.37 -5.26 -31.51
CA ALA B 24 5.05 -4.31 -30.46
C ALA B 24 6.30 -3.44 -30.30
N PRO B 25 6.14 -2.16 -29.90
CA PRO B 25 7.27 -1.21 -29.93
C PRO B 25 8.58 -1.75 -29.36
N GLY B 26 8.51 -2.55 -28.30
CA GLY B 26 9.70 -3.15 -27.67
C GLY B 26 10.19 -4.47 -28.26
N GLY B 27 9.41 -5.08 -29.14
CA GLY B 27 9.75 -6.39 -29.70
C GLY B 27 8.52 -7.18 -30.16
N PRO B 28 8.71 -8.42 -30.63
CA PRO B 28 7.62 -9.27 -31.12
C PRO B 28 6.77 -9.97 -30.05
N VAL B 29 5.51 -10.24 -30.39
CA VAL B 29 4.58 -11.07 -29.58
C VAL B 29 3.88 -12.08 -30.48
N SER B 30 3.38 -13.16 -29.88
CA SER B 30 2.61 -14.16 -30.59
C SER B 30 1.13 -13.92 -30.33
N ALA B 31 0.35 -13.73 -31.38
CA ALA B 31 -1.10 -13.61 -31.24
C ALA B 31 -1.81 -14.81 -31.86
N PHE B 32 -2.80 -15.32 -31.15
CA PHE B 32 -3.66 -16.39 -31.61
C PHE B 32 -5.08 -15.87 -31.53
N LEU B 33 -5.60 -15.44 -32.66
CA LEU B 33 -6.86 -14.70 -32.68
C LEU B 33 -7.99 -15.52 -33.32
N GLY B 34 -9.20 -15.40 -32.79
CA GLY B 34 -10.36 -16.09 -33.36
C GLY B 34 -10.41 -17.60 -33.11
N ILE B 35 -10.01 -18.04 -31.91
CA ILE B 35 -10.06 -19.46 -31.56
C ILE B 35 -11.45 -19.85 -31.08
N PRO B 36 -12.08 -20.85 -31.73
CA PRO B 36 -13.43 -21.21 -31.26
C PRO B 36 -13.38 -21.94 -29.93
N PHE B 37 -14.24 -21.55 -28.99
CA PHE B 37 -14.32 -22.26 -27.71
C PHE B 37 -15.66 -22.94 -27.51
N ALA B 38 -16.56 -22.76 -28.48
CA ALA B 38 -17.90 -23.32 -28.42
C ALA B 38 -18.48 -23.52 -29.81
N GLU B 39 -19.48 -24.39 -29.91
CA GLU B 39 -20.27 -24.55 -31.13
C GLU B 39 -21.04 -23.25 -31.38
N PRO B 40 -21.03 -22.76 -32.63
CA PRO B 40 -21.77 -21.53 -32.95
C PRO B 40 -23.22 -21.57 -32.44
N PRO B 41 -23.60 -20.62 -31.57
CA PRO B 41 -24.90 -20.70 -30.89
C PRO B 41 -26.06 -20.26 -31.77
N VAL B 42 -26.21 -20.93 -32.91
CA VAL B 42 -27.14 -20.51 -33.95
C VAL B 42 -28.31 -21.47 -34.18
N GLY B 43 -29.32 -20.99 -34.90
CA GLY B 43 -30.52 -21.77 -35.17
C GLY B 43 -31.21 -22.13 -33.87
N SER B 44 -31.23 -23.44 -33.57
CA SER B 44 -31.92 -23.96 -32.39
C SER B 44 -31.10 -23.71 -31.13
N ARG B 45 -29.82 -23.45 -31.31
CA ARG B 45 -28.94 -23.16 -30.16
C ARG B 45 -29.08 -21.73 -29.64
N ARG B 46 -29.87 -20.90 -30.31
CA ARG B 46 -30.15 -19.54 -29.84
C ARG B 46 -30.83 -19.54 -28.47
N PHE B 47 -30.36 -18.67 -27.57
CA PHE B 47 -30.85 -18.54 -26.17
C PHE B 47 -30.41 -19.69 -25.25
N MET B 48 -29.68 -20.65 -25.81
CA MET B 48 -29.28 -21.85 -25.05
C MET B 48 -27.89 -21.74 -24.42
N PRO B 49 -27.65 -22.50 -23.32
CA PRO B 49 -26.30 -22.64 -22.80
C PRO B 49 -25.35 -23.11 -23.91
N PRO B 50 -24.11 -22.60 -23.94
CA PRO B 50 -23.18 -22.98 -25.00
C PRO B 50 -22.70 -24.42 -24.84
N GLU B 51 -22.37 -25.06 -25.95
CA GLU B 51 -21.79 -26.40 -25.95
C GLU B 51 -20.31 -26.31 -26.36
N PRO B 52 -19.45 -27.11 -25.72
CA PRO B 52 -18.01 -27.09 -26.09
C PRO B 52 -17.77 -27.44 -27.56
N LYS B 53 -16.83 -26.72 -28.17
CA LYS B 53 -16.50 -26.85 -29.58
C LYS B 53 -15.96 -28.23 -29.92
N ARG B 54 -16.52 -28.86 -30.95
CA ARG B 54 -16.02 -30.13 -31.47
C ARG B 54 -14.62 -29.95 -32.07
N PRO B 55 -13.79 -30.99 -32.02
CA PRO B 55 -12.44 -30.93 -32.62
C PRO B 55 -12.44 -30.70 -34.13
N TRP B 56 -11.30 -30.26 -34.66
CA TRP B 56 -11.14 -29.93 -36.08
C TRP B 56 -9.91 -30.62 -36.65
N SER B 57 -9.90 -30.85 -37.96
CA SER B 57 -8.77 -31.45 -38.64
C SER B 57 -7.77 -30.39 -39.12
N GLY B 58 -6.53 -30.81 -39.36
CA GLY B 58 -5.51 -29.94 -39.93
C GLY B 58 -5.13 -28.78 -39.04
N VAL B 59 -4.71 -27.67 -39.66
CA VAL B 59 -4.24 -26.51 -38.92
C VAL B 59 -5.22 -25.38 -39.06
N LEU B 60 -5.88 -25.02 -37.96
CA LEU B 60 -6.88 -23.95 -37.95
C LEU B 60 -6.23 -22.58 -37.94
N ASP B 61 -6.58 -21.76 -38.93
CA ASP B 61 -6.07 -20.41 -39.05
C ASP B 61 -6.58 -19.51 -37.92
N ALA B 62 -5.66 -19.05 -37.07
CA ALA B 62 -5.97 -18.17 -35.94
C ALA B 62 -5.08 -16.92 -35.98
N THR B 63 -5.12 -16.23 -37.12
CA THR B 63 -4.26 -15.07 -37.38
C THR B 63 -5.09 -13.80 -37.48
N THR B 64 -6.37 -13.91 -37.19
CA THR B 64 -7.33 -12.86 -37.52
C THR B 64 -8.49 -12.89 -36.52
N PHE B 65 -9.06 -11.72 -36.20
CA PHE B 65 -10.22 -11.64 -35.28
C PHE B 65 -11.48 -12.20 -35.94
N GLN B 66 -12.31 -12.83 -35.13
CA GLN B 66 -13.57 -13.38 -35.64
C GLN B 66 -14.70 -12.36 -35.48
N ASN B 67 -15.89 -12.74 -35.93
CA ASN B 67 -17.06 -11.89 -35.88
C ASN B 67 -17.42 -11.39 -34.49
N VAL B 68 -17.99 -10.20 -34.45
CA VAL B 68 -18.55 -9.61 -33.24
C VAL B 68 -19.96 -10.16 -33.02
N CYS B 69 -20.28 -10.52 -31.77
CA CYS B 69 -21.62 -10.96 -31.44
C CYS B 69 -22.66 -9.94 -31.88
N TYR B 70 -23.77 -10.43 -32.41
CA TYR B 70 -24.83 -9.57 -32.93
C TYR B 70 -25.33 -8.63 -31.83
N GLN B 71 -25.28 -7.34 -32.12
CA GLN B 71 -25.58 -6.29 -31.15
C GLN B 71 -26.04 -5.02 -31.84
N TYR B 72 -26.80 -4.23 -31.10
CA TYR B 72 -27.15 -2.86 -31.44
C TYR B 72 -25.91 -2.04 -31.80
N VAL B 73 -26.02 -1.21 -32.83
CA VAL B 73 -24.92 -0.35 -33.26
C VAL B 73 -25.27 1.12 -32.98
N ASP B 74 -24.38 1.81 -32.26
CA ASP B 74 -24.63 3.21 -31.86
C ASP B 74 -24.69 4.21 -33.03
N THR B 75 -25.65 5.12 -32.96
CA THR B 75 -25.91 6.08 -34.04
C THR B 75 -26.17 7.50 -33.54
N LEU B 76 -25.80 7.78 -32.29
CA LEU B 76 -26.00 9.11 -31.74
C LEU B 76 -25.13 10.16 -32.45
N TYR B 77 -23.86 9.81 -32.69
CA TYR B 77 -22.90 10.70 -33.33
C TYR B 77 -22.08 10.02 -34.45
N PRO B 78 -22.70 9.76 -35.62
CA PRO B 78 -22.02 8.96 -36.66
C PRO B 78 -20.69 9.56 -37.12
N GLY B 79 -19.63 8.75 -37.12
CA GLY B 79 -18.29 9.21 -37.52
C GLY B 79 -17.40 9.75 -36.41
N PHE B 80 -17.98 10.02 -35.25
CA PHE B 80 -17.26 10.61 -34.12
C PHE B 80 -16.41 9.54 -33.40
N GLU B 81 -15.12 9.83 -33.24
CA GLU B 81 -14.17 8.85 -32.69
C GLU B 81 -14.53 8.37 -31.28
N GLY B 82 -15.07 9.28 -30.45
CA GLY B 82 -15.43 8.97 -29.08
C GLY B 82 -16.56 7.97 -28.91
N THR B 83 -17.31 7.72 -29.97
CA THR B 83 -18.35 6.68 -29.95
C THR B 83 -17.99 5.48 -30.84
N GLU B 84 -17.41 5.75 -32.00
CA GLU B 84 -17.09 4.69 -32.94
C GLU B 84 -16.03 3.74 -32.42
N MET B 85 -15.22 4.23 -31.46
CA MET B 85 -14.14 3.43 -30.86
C MET B 85 -14.70 2.27 -30.03
N TRP B 86 -15.97 2.34 -29.71
CA TRP B 86 -16.67 1.29 -28.98
C TRP B 86 -17.61 0.47 -29.88
N ASN B 87 -17.79 0.92 -31.12
CA ASN B 87 -18.64 0.21 -32.09
C ASN B 87 -17.95 -1.05 -32.66
N PRO B 88 -18.76 -2.03 -33.12
CA PRO B 88 -18.18 -3.25 -33.73
C PRO B 88 -17.21 -2.94 -34.89
N ASN B 89 -15.99 -3.47 -34.80
CA ASN B 89 -14.97 -3.27 -35.82
C ASN B 89 -14.78 -4.48 -36.72
N ARG B 90 -15.59 -5.51 -36.52
CA ARG B 90 -15.69 -6.65 -37.46
C ARG B 90 -17.16 -6.85 -37.84
N GLU B 91 -17.44 -7.83 -38.71
CA GLU B 91 -18.82 -8.13 -39.12
C GLU B 91 -19.64 -8.67 -37.96
N LEU B 92 -20.92 -8.32 -37.94
CA LEU B 92 -21.84 -8.83 -36.94
C LEU B 92 -22.35 -10.20 -37.33
N SER B 93 -22.33 -11.13 -36.38
CA SER B 93 -22.86 -12.47 -36.59
C SER B 93 -23.23 -13.12 -35.27
N GLU B 94 -24.27 -13.96 -35.28
CA GLU B 94 -24.60 -14.78 -34.10
C GLU B 94 -23.52 -15.84 -33.87
N ASP B 95 -22.73 -16.12 -34.91
CA ASP B 95 -21.63 -17.06 -34.79
C ASP B 95 -20.41 -16.28 -34.32
N CYS B 96 -20.22 -16.21 -33.00
CA CYS B 96 -19.23 -15.29 -32.41
C CYS B 96 -18.45 -15.82 -31.19
N LEU B 97 -18.67 -17.08 -30.83
CA LEU B 97 -18.02 -17.62 -29.65
C LEU B 97 -16.55 -18.00 -29.95
N TYR B 98 -15.70 -16.98 -29.89
CA TYR B 98 -14.29 -17.13 -30.15
C TYR B 98 -13.51 -16.36 -29.09
N LEU B 99 -12.28 -16.79 -28.83
CA LEU B 99 -11.40 -16.10 -27.90
C LEU B 99 -10.03 -15.81 -28.51
N ASN B 100 -9.29 -14.90 -27.87
CA ASN B 100 -7.98 -14.45 -28.34
C ASN B 100 -6.92 -14.57 -27.25
N VAL B 101 -5.72 -15.01 -27.65
CA VAL B 101 -4.61 -15.15 -26.73
C VAL B 101 -3.39 -14.42 -27.28
N TRP B 102 -2.79 -13.56 -26.46
CA TRP B 102 -1.49 -12.98 -26.75
C TRP B 102 -0.48 -13.57 -25.77
N THR B 103 0.72 -13.88 -26.25
CA THR B 103 1.81 -14.30 -25.36
C THR B 103 3.12 -13.64 -25.79
N PRO B 104 4.13 -13.64 -24.90
CA PRO B 104 5.49 -13.25 -25.30
C PRO B 104 6.04 -14.12 -26.43
N TYR B 105 6.95 -13.54 -27.22
CA TYR B 105 7.66 -14.24 -28.29
C TYR B 105 9.14 -14.16 -27.94
N PRO B 106 9.82 -15.31 -27.78
CA PRO B 106 9.27 -16.68 -27.89
C PRO B 106 8.36 -17.06 -26.72
N ARG B 107 7.58 -18.12 -26.92
CA ARG B 107 6.73 -18.74 -25.89
C ARG B 107 7.47 -18.80 -24.56
N PRO B 108 6.84 -18.30 -23.47
CA PRO B 108 7.45 -18.30 -22.14
C PRO B 108 8.00 -19.68 -21.73
N ALA B 109 9.24 -19.67 -21.20
CA ALA B 109 9.92 -20.90 -20.77
C ALA B 109 9.27 -21.58 -19.55
N SER B 110 8.81 -20.78 -18.58
CA SER B 110 8.07 -21.32 -17.43
C SER B 110 6.64 -20.72 -17.35
N PRO B 111 5.70 -21.43 -16.70
CA PRO B 111 4.28 -21.01 -16.63
C PRO B 111 4.07 -19.58 -16.13
N THR B 112 3.34 -18.77 -16.91
CA THR B 112 3.17 -17.34 -16.65
C THR B 112 1.75 -17.00 -16.20
N PRO B 113 1.62 -16.11 -15.19
CA PRO B 113 0.28 -15.66 -14.79
C PRO B 113 -0.55 -15.25 -16.00
N VAL B 114 -1.83 -15.61 -15.97
CA VAL B 114 -2.75 -15.35 -17.06
C VAL B 114 -3.71 -14.25 -16.66
N LEU B 115 -3.89 -13.27 -17.53
CA LEU B 115 -4.95 -12.27 -17.34
C LEU B 115 -6.07 -12.53 -18.35
N ILE B 116 -7.30 -12.54 -17.88
CA ILE B 116 -8.44 -12.74 -18.77
C ILE B 116 -9.30 -11.49 -18.74
N TRP B 117 -9.45 -10.84 -19.88
CA TRP B 117 -10.28 -9.65 -20.04
C TRP B 117 -11.73 -9.96 -20.45
N ILE B 118 -12.68 -9.37 -19.74
CA ILE B 118 -14.11 -9.41 -20.09
C ILE B 118 -14.63 -8.00 -20.35
N TYR B 119 -14.91 -7.65 -21.60
CA TYR B 119 -15.38 -6.31 -21.95
C TYR B 119 -16.74 -5.93 -21.36
N GLY B 120 -17.02 -4.62 -21.36
CA GLY B 120 -18.34 -4.07 -21.04
C GLY B 120 -19.11 -3.66 -22.28
N GLY B 121 -20.22 -2.94 -22.07
CA GLY B 121 -21.15 -2.58 -23.13
C GLY B 121 -22.60 -2.77 -22.68
N GLY B 122 -22.81 -2.69 -21.36
CA GLY B 122 -24.13 -2.77 -20.74
C GLY B 122 -24.84 -4.08 -20.95
N PHE B 123 -24.07 -5.14 -21.25
CA PHE B 123 -24.60 -6.45 -21.63
C PHE B 123 -25.38 -6.39 -22.96
N TYR B 124 -25.36 -5.25 -23.66
CA TYR B 124 -26.02 -5.15 -24.97
C TYR B 124 -25.01 -4.97 -26.11
N SER B 125 -23.71 -4.82 -25.77
CA SER B 125 -22.67 -4.56 -26.77
C SER B 125 -21.26 -4.89 -26.27
N GLY B 126 -20.30 -4.78 -27.17
CA GLY B 126 -18.90 -5.05 -26.85
C GLY B 126 -18.28 -6.05 -27.80
N ALA B 127 -16.96 -6.15 -27.74
CA ALA B 127 -16.20 -7.08 -28.60
C ALA B 127 -14.78 -7.13 -28.09
N ALA B 128 -14.17 -8.31 -28.10
CA ALA B 128 -12.80 -8.50 -27.63
C ALA B 128 -11.78 -7.97 -28.62
N SER B 129 -12.25 -7.53 -29.79
CA SER B 129 -11.40 -7.12 -30.90
C SER B 129 -11.16 -5.60 -31.02
N LEU B 130 -11.73 -4.83 -30.09
CA LEU B 130 -11.58 -3.37 -30.12
C LEU B 130 -10.12 -2.98 -29.87
N ASP B 131 -9.69 -1.86 -30.45
CA ASP B 131 -8.32 -1.42 -30.32
C ASP B 131 -7.89 -1.21 -28.87
N VAL B 132 -8.78 -0.69 -28.02
CA VAL B 132 -8.41 -0.47 -26.61
C VAL B 132 -8.16 -1.75 -25.81
N TYR B 133 -8.61 -2.89 -26.33
CA TYR B 133 -8.37 -4.18 -25.67
C TYR B 133 -7.20 -4.97 -26.26
N ASP B 134 -6.36 -4.29 -27.04
CA ASP B 134 -5.18 -4.88 -27.66
C ASP B 134 -4.21 -5.39 -26.60
N GLY B 135 -4.07 -6.73 -26.54
CA GLY B 135 -3.21 -7.40 -25.54
C GLY B 135 -1.71 -7.39 -25.80
N ARG B 136 -1.30 -6.86 -26.94
CA ARG B 136 0.11 -6.94 -27.35
C ARG B 136 1.08 -6.26 -26.37
N PHE B 137 0.71 -5.08 -25.87
CA PHE B 137 1.58 -4.30 -24.98
C PHE B 137 1.87 -5.03 -23.66
N LEU B 138 0.82 -5.48 -22.97
CA LEU B 138 0.94 -6.27 -21.72
C LEU B 138 1.71 -7.58 -21.90
N ALA B 139 1.59 -8.18 -23.08
CA ALA B 139 2.33 -9.40 -23.39
C ALA B 139 3.83 -9.10 -23.49
N GLN B 140 4.18 -8.07 -24.25
CA GLN B 140 5.59 -7.75 -24.54
C GLN B 140 6.33 -7.13 -23.37
N VAL B 141 5.70 -6.17 -22.67
CA VAL B 141 6.41 -5.45 -21.60
C VAL B 141 6.47 -6.28 -20.31
N GLU B 142 5.31 -6.74 -19.84
CA GLU B 142 5.21 -7.45 -18.56
C GLU B 142 5.37 -8.96 -18.66
N GLY B 143 5.48 -9.47 -19.88
CA GLY B 143 5.60 -10.91 -20.11
C GLY B 143 4.32 -11.70 -19.85
N ALA B 144 3.17 -11.01 -19.78
CA ALA B 144 1.90 -11.65 -19.46
C ALA B 144 1.30 -12.46 -20.60
N VAL B 145 0.47 -13.44 -20.24
CA VAL B 145 -0.37 -14.15 -21.18
C VAL B 145 -1.74 -13.53 -21.03
N LEU B 146 -2.16 -12.78 -22.04
CA LEU B 146 -3.47 -12.14 -22.03
C LEU B 146 -4.50 -12.87 -22.90
N VAL B 147 -5.67 -13.12 -22.32
CA VAL B 147 -6.77 -13.81 -22.99
C VAL B 147 -8.01 -12.90 -23.01
N SER B 148 -8.77 -12.90 -24.11
CA SER B 148 -10.08 -12.22 -24.15
C SER B 148 -11.08 -13.00 -25.01
N MET B 149 -12.34 -13.05 -24.57
CA MET B 149 -13.38 -13.79 -25.30
C MET B 149 -14.55 -12.91 -25.74
N ASN B 150 -15.19 -13.31 -26.83
CA ASN B 150 -16.52 -12.78 -27.12
C ASN B 150 -17.53 -13.58 -26.28
N TYR B 151 -18.60 -12.90 -25.88
CA TYR B 151 -19.73 -13.56 -25.24
C TYR B 151 -21.00 -12.89 -25.76
N ARG B 152 -22.11 -13.64 -25.82
CA ARG B 152 -23.35 -13.13 -26.41
C ARG B 152 -23.96 -11.98 -25.60
N VAL B 153 -24.48 -10.98 -26.29
CA VAL B 153 -25.07 -9.81 -25.64
C VAL B 153 -26.54 -9.65 -26.02
N GLY B 154 -27.21 -8.66 -25.42
CA GLY B 154 -28.60 -8.34 -25.73
C GLY B 154 -29.51 -9.56 -25.60
N THR B 155 -30.48 -9.68 -26.50
CA THR B 155 -31.41 -10.80 -26.41
C THR B 155 -30.69 -12.14 -26.44
N PHE B 156 -29.69 -12.25 -27.32
CA PHE B 156 -29.05 -13.53 -27.58
C PHE B 156 -28.33 -14.07 -26.36
N GLY B 157 -27.78 -13.17 -25.54
CA GLY B 157 -27.05 -13.58 -24.35
C GLY B 157 -27.86 -13.57 -23.06
N PHE B 158 -28.95 -12.80 -23.02
CA PHE B 158 -29.61 -12.57 -21.73
C PHE B 158 -31.14 -12.58 -21.71
N LEU B 159 -31.78 -12.86 -22.84
CA LEU B 159 -33.23 -13.04 -22.86
C LEU B 159 -33.56 -14.30 -22.07
N ALA B 160 -34.47 -14.16 -21.12
CA ALA B 160 -34.78 -15.25 -20.22
C ALA B 160 -36.28 -15.44 -20.10
N LEU B 161 -36.69 -16.70 -20.15
CA LEU B 161 -37.95 -17.10 -19.60
C LEU B 161 -37.64 -18.04 -18.45
N PRO B 162 -37.42 -17.49 -17.24
CA PRO B 162 -36.93 -18.24 -16.08
C PRO B 162 -37.74 -19.51 -15.82
N GLY B 163 -37.04 -20.62 -15.58
CA GLY B 163 -37.66 -21.92 -15.37
C GLY B 163 -37.88 -22.72 -16.63
N SER B 164 -37.72 -22.07 -17.79
CA SER B 164 -37.83 -22.76 -19.07
C SER B 164 -36.55 -23.50 -19.41
N ARG B 165 -36.69 -24.63 -20.13
CA ARG B 165 -35.54 -25.40 -20.57
C ARG B 165 -34.88 -24.74 -21.80
N GLU B 166 -35.65 -23.96 -22.54
CA GLU B 166 -35.18 -23.47 -23.84
C GLU B 166 -34.67 -22.02 -23.86
N ALA B 167 -34.79 -21.34 -22.73
CA ALA B 167 -34.25 -19.99 -22.49
C ALA B 167 -34.10 -19.75 -20.99
N PRO B 168 -33.12 -20.41 -20.36
CA PRO B 168 -33.01 -20.43 -18.90
C PRO B 168 -32.40 -19.16 -18.30
N GLY B 169 -31.85 -18.31 -19.14
CA GLY B 169 -31.22 -17.08 -18.67
C GLY B 169 -29.72 -17.21 -18.49
N ASN B 170 -29.05 -16.06 -18.45
CA ASN B 170 -27.61 -15.94 -18.18
C ASN B 170 -26.62 -16.67 -19.12
N VAL B 171 -27.04 -16.97 -20.35
CA VAL B 171 -26.18 -17.73 -21.25
C VAL B 171 -24.90 -16.98 -21.69
N GLY B 172 -24.97 -15.65 -21.75
CA GLY B 172 -23.77 -14.85 -21.99
C GLY B 172 -22.74 -14.98 -20.88
N LEU B 173 -23.20 -15.19 -19.63
CA LEU B 173 -22.28 -15.46 -18.53
C LEU B 173 -21.73 -16.87 -18.66
N LEU B 174 -22.56 -17.80 -19.12
CA LEU B 174 -22.12 -19.18 -19.34
C LEU B 174 -21.08 -19.30 -20.47
N ASP B 175 -21.20 -18.44 -21.49
CA ASP B 175 -20.18 -18.30 -22.52
C ASP B 175 -18.85 -17.96 -21.87
N GLN B 176 -18.87 -16.92 -21.04
CA GLN B 176 -17.68 -16.48 -20.30
C GLN B 176 -17.11 -17.64 -19.50
N ARG B 177 -17.98 -18.36 -18.79
CA ARG B 177 -17.57 -19.53 -18.03
C ARG B 177 -16.88 -20.61 -18.87
N LEU B 178 -17.41 -20.86 -20.07
CA LEU B 178 -16.82 -21.85 -20.97
C LEU B 178 -15.40 -21.43 -21.41
N ALA B 179 -15.23 -20.15 -21.75
CA ALA B 179 -13.89 -19.62 -22.09
C ALA B 179 -12.94 -19.78 -20.91
N LEU B 180 -13.44 -19.59 -19.69
CA LEU B 180 -12.66 -19.81 -18.48
C LEU B 180 -12.19 -21.26 -18.36
N GLN B 181 -13.10 -22.21 -18.54
CA GLN B 181 -12.78 -23.65 -18.56
C GLN B 181 -11.77 -23.96 -19.69
N TRP B 182 -11.92 -23.28 -20.83
CA TRP B 182 -11.00 -23.44 -21.96
C TRP B 182 -9.58 -23.06 -21.58
N VAL B 183 -9.46 -21.98 -20.83
CA VAL B 183 -8.16 -21.54 -20.32
C VAL B 183 -7.51 -22.61 -19.42
N GLN B 184 -8.27 -23.17 -18.48
CA GLN B 184 -7.75 -24.24 -17.61
C GLN B 184 -7.28 -25.44 -18.41
N GLU B 185 -8.07 -25.82 -19.41
CA GLU B 185 -7.75 -26.99 -20.22
C GLU B 185 -6.58 -26.75 -21.19
N ASN B 186 -6.40 -25.51 -21.65
CA ASN B 186 -5.51 -25.26 -22.80
C ASN B 186 -4.37 -24.27 -22.65
N ILE B 187 -4.47 -23.34 -21.70
CA ILE B 187 -3.49 -22.25 -21.62
C ILE B 187 -2.05 -22.71 -21.40
N ALA B 188 -1.85 -23.85 -20.73
CA ALA B 188 -0.50 -24.41 -20.52
C ALA B 188 0.24 -24.62 -21.84
N ALA B 189 -0.47 -25.08 -22.87
CA ALA B 189 0.10 -25.23 -24.21
C ALA B 189 0.73 -23.94 -24.74
N PHE B 190 0.24 -22.79 -24.25
CA PHE B 190 0.74 -21.47 -24.66
C PHE B 190 1.78 -20.90 -23.68
N GLY B 191 2.05 -21.65 -22.60
CA GLY B 191 2.95 -21.22 -21.55
C GLY B 191 2.26 -20.46 -20.42
N GLY B 192 0.93 -20.40 -20.47
CA GLY B 192 0.16 -19.84 -19.34
C GLY B 192 0.19 -20.74 -18.12
N ASP B 193 -0.05 -20.15 -16.95
CA ASP B 193 -0.17 -20.90 -15.69
C ASP B 193 -1.64 -21.00 -15.30
N PRO B 194 -2.26 -22.17 -15.51
CA PRO B 194 -3.70 -22.26 -15.20
C PRO B 194 -3.93 -22.15 -13.69
N MET B 195 -2.85 -22.22 -12.91
CA MET B 195 -2.96 -22.11 -11.46
C MET B 195 -2.83 -20.67 -10.98
N SER B 196 -2.72 -19.74 -11.93
CA SER B 196 -2.72 -18.31 -11.64
C SER B 196 -3.48 -17.52 -12.70
N VAL B 197 -4.78 -17.41 -12.49
CA VAL B 197 -5.65 -16.76 -13.46
C VAL B 197 -6.32 -15.57 -12.80
N THR B 198 -6.11 -14.39 -13.38
CA THR B 198 -6.71 -13.16 -12.89
C THR B 198 -7.77 -12.69 -13.88
N LEU B 199 -9.02 -12.61 -13.43
CA LEU B 199 -10.05 -11.98 -14.26
C LEU B 199 -9.96 -10.49 -14.11
N PHE B 200 -10.24 -9.76 -15.18
CA PHE B 200 -10.45 -8.32 -15.09
C PHE B 200 -11.37 -7.81 -16.17
N GLY B 201 -12.15 -6.79 -15.83
CA GLY B 201 -13.12 -6.23 -16.76
C GLY B 201 -13.54 -4.84 -16.32
N GLU B 202 -14.19 -4.13 -17.24
CA GLU B 202 -14.70 -2.81 -16.97
C GLU B 202 -16.21 -2.73 -17.22
N ALA B 203 -16.91 -1.97 -16.38
CA ALA B 203 -18.34 -1.72 -16.55
C ALA B 203 -19.11 -3.04 -16.47
N ALA B 204 -19.96 -3.34 -17.47
CA ALA B 204 -20.65 -4.65 -17.51
C ALA B 204 -19.67 -5.83 -17.39
N GLY B 205 -18.46 -5.66 -17.90
CA GLY B 205 -17.40 -6.65 -17.71
C GLY B 205 -16.98 -6.85 -16.27
N ALA B 206 -17.00 -5.77 -15.48
CA ALA B 206 -16.63 -5.85 -14.07
C ALA B 206 -17.74 -6.55 -13.26
N ALA B 207 -19.00 -6.24 -13.59
CA ALA B 207 -20.14 -6.93 -13.02
C ALA B 207 -20.09 -8.42 -13.34
N SER B 208 -19.70 -8.76 -14.58
CA SER B 208 -19.51 -10.16 -14.97
C SER B 208 -18.44 -10.84 -14.11
N VAL B 209 -17.31 -10.17 -13.90
CA VAL B 209 -16.27 -10.67 -13.02
C VAL B 209 -16.86 -10.89 -11.61
N GLY B 210 -17.61 -9.89 -11.14
CA GLY B 210 -18.27 -9.99 -9.82
C GLY B 210 -19.23 -11.16 -9.75
N MET B 211 -19.98 -11.38 -10.82
CA MET B 211 -20.89 -12.52 -10.86
C MET B 211 -20.17 -13.86 -10.82
N HIS B 212 -18.96 -13.93 -11.39
CA HIS B 212 -18.20 -15.16 -11.30
C HIS B 212 -17.72 -15.41 -9.88
N ILE B 213 -17.39 -14.33 -9.16
CA ILE B 213 -17.03 -14.42 -7.72
C ILE B 213 -18.19 -15.02 -6.92
N LEU B 214 -19.41 -14.62 -7.29
CA LEU B 214 -20.63 -15.01 -6.56
C LEU B 214 -21.27 -16.30 -7.06
N SER B 215 -20.63 -16.99 -7.99
CA SER B 215 -21.16 -18.24 -8.52
C SER B 215 -20.16 -19.38 -8.39
N LEU B 216 -20.54 -20.35 -7.55
CA LEU B 216 -19.66 -21.46 -7.14
C LEU B 216 -18.91 -22.23 -8.24
N PRO B 217 -19.61 -22.71 -9.30
CA PRO B 217 -18.90 -23.41 -10.37
C PRO B 217 -17.84 -22.58 -11.10
N SER B 218 -17.92 -21.25 -10.99
CA SER B 218 -16.93 -20.37 -11.63
C SER B 218 -15.69 -20.21 -10.79
N ARG B 219 -15.83 -20.41 -9.48
CA ARG B 219 -14.76 -20.12 -8.51
C ARG B 219 -13.54 -21.02 -8.65
N SER B 220 -13.71 -22.16 -9.29
CA SER B 220 -12.59 -23.07 -9.44
C SER B 220 -11.80 -22.77 -10.71
N LEU B 221 -12.11 -21.64 -11.35
CA LEU B 221 -11.52 -21.29 -12.65
C LEU B 221 -10.68 -20.01 -12.64
N PHE B 222 -10.56 -19.36 -11.47
CA PHE B 222 -9.70 -18.19 -11.31
C PHE B 222 -9.29 -18.02 -9.84
N HIS B 223 -8.42 -17.06 -9.59
CA HIS B 223 -7.82 -16.92 -8.27
C HIS B 223 -7.89 -15.48 -7.80
N ARG B 224 -7.93 -14.54 -8.74
CA ARG B 224 -7.97 -13.12 -8.40
C ARG B 224 -8.91 -12.39 -9.37
N ALA B 225 -9.38 -11.21 -8.97
CA ALA B 225 -10.34 -10.45 -9.75
C ALA B 225 -10.05 -8.97 -9.69
N VAL B 226 -10.27 -8.29 -10.81
CA VAL B 226 -10.22 -6.83 -10.88
C VAL B 226 -11.55 -6.36 -11.47
N LEU B 227 -12.21 -5.45 -10.76
CA LEU B 227 -13.51 -4.91 -11.20
C LEU B 227 -13.34 -3.41 -11.40
N GLN B 228 -13.35 -2.99 -12.67
CA GLN B 228 -13.15 -1.59 -13.00
C GLN B 228 -14.49 -0.96 -13.37
N SER B 229 -14.95 -0.03 -12.52
CA SER B 229 -16.16 0.76 -12.78
C SER B 229 -17.44 -0.05 -12.99
N GLY B 230 -17.63 -1.08 -12.18
CA GLY B 230 -18.80 -1.94 -12.30
C GLY B 230 -18.83 -3.03 -11.25
N THR B 231 -20.03 -3.49 -10.91
CA THR B 231 -20.25 -4.36 -9.76
C THR B 231 -21.41 -5.27 -10.04
N PRO B 232 -21.42 -6.47 -9.43
CA PRO B 232 -22.58 -7.36 -9.61
C PRO B 232 -23.81 -6.79 -8.90
N ASN B 233 -23.59 -6.13 -7.77
CA ASN B 233 -24.65 -5.41 -7.07
C ASN B 233 -24.95 -4.08 -7.78
N GLY B 234 -26.03 -3.43 -7.38
CA GLY B 234 -26.41 -2.15 -7.96
C GLY B 234 -27.69 -2.20 -8.76
N PRO B 235 -28.10 -1.04 -9.33
CA PRO B 235 -29.42 -0.90 -9.96
C PRO B 235 -29.56 -1.46 -11.39
N TRP B 236 -28.44 -1.65 -12.10
CA TRP B 236 -28.50 -1.95 -13.54
C TRP B 236 -28.01 -3.34 -13.94
N ALA B 237 -27.35 -4.04 -13.03
CA ALA B 237 -26.60 -5.25 -13.39
C ALA B 237 -27.39 -6.55 -13.39
N THR B 238 -28.51 -6.58 -12.67
CA THR B 238 -29.36 -7.76 -12.61
C THR B 238 -30.82 -7.38 -12.68
N VAL B 239 -31.66 -8.33 -13.08
CA VAL B 239 -33.09 -8.21 -12.90
C VAL B 239 -33.63 -9.42 -12.11
N SER B 240 -34.84 -9.27 -11.57
CA SER B 240 -35.52 -10.39 -10.93
C SER B 240 -36.00 -11.34 -12.02
N ALA B 241 -36.32 -12.58 -11.64
CA ALA B 241 -36.89 -13.56 -12.56
C ALA B 241 -38.20 -13.04 -13.16
N GLY B 242 -39.09 -12.53 -12.30
CA GLY B 242 -40.35 -11.93 -12.72
C GLY B 242 -40.20 -10.82 -13.75
N GLU B 243 -39.23 -9.94 -13.55
CA GLU B 243 -38.99 -8.84 -14.50
C GLU B 243 -38.37 -9.27 -15.83
N ALA B 244 -37.58 -10.35 -15.84
CA ALA B 244 -37.02 -10.87 -17.10
C ALA B 244 -38.14 -11.50 -17.93
N ARG B 245 -38.98 -12.29 -17.26
CA ARG B 245 -40.11 -12.92 -17.91
C ARG B 245 -40.94 -11.87 -18.61
N ARG B 246 -41.22 -10.77 -17.92
CA ARG B 246 -42.03 -9.67 -18.47
C ARG B 246 -41.41 -9.12 -19.76
N ARG B 247 -40.11 -8.82 -19.70
CA ARG B 247 -39.43 -8.19 -20.83
C ARG B 247 -39.34 -9.08 -22.06
N ALA B 248 -39.12 -10.38 -21.82
CA ALA B 248 -38.95 -11.34 -22.90
C ALA B 248 -40.27 -11.55 -23.59
N THR B 249 -41.35 -11.67 -22.81
CA THR B 249 -42.68 -11.80 -23.40
C THR B 249 -43.17 -10.51 -24.06
N LEU B 250 -42.74 -9.36 -23.54
CA LEU B 250 -43.06 -8.09 -24.19
C LEU B 250 -42.36 -7.99 -25.55
N LEU B 251 -41.07 -8.31 -25.59
CA LEU B 251 -40.31 -8.27 -26.83
C LEU B 251 -40.93 -9.21 -27.86
N ALA B 252 -41.36 -10.38 -27.38
CA ALA B 252 -41.99 -11.38 -28.25
C ALA B 252 -43.29 -10.86 -28.84
N ARG B 253 -44.04 -10.06 -28.09
CA ARG B 253 -45.27 -9.44 -28.60
C ARG B 253 -44.91 -8.45 -29.70
N LEU B 254 -43.83 -7.69 -29.48
CA LEU B 254 -43.39 -6.68 -30.44
C LEU B 254 -42.91 -7.24 -31.78
N VAL B 255 -42.42 -8.47 -31.78
CA VAL B 255 -42.00 -9.11 -33.04
C VAL B 255 -42.97 -10.21 -33.54
N GLY B 256 -44.18 -10.22 -32.98
CA GLY B 256 -45.27 -11.07 -33.47
C GLY B 256 -45.40 -12.49 -32.91
N CYS B 257 -44.69 -12.80 -31.83
CA CYS B 257 -44.72 -14.14 -31.24
C CYS B 257 -45.70 -14.27 -30.06
N PRO B 258 -46.35 -15.45 -29.91
CA PRO B 258 -46.20 -16.66 -30.71
C PRO B 258 -47.18 -16.77 -31.87
N ASN B 265 -47.32 -20.60 -23.06
CA ASN B 265 -46.47 -21.78 -23.23
C ASN B 265 -45.07 -21.38 -23.75
N ASP B 266 -44.09 -21.42 -22.85
CA ASP B 266 -42.71 -21.00 -23.15
C ASP B 266 -42.10 -21.62 -24.40
N THR B 267 -42.31 -22.93 -24.58
CA THR B 267 -41.82 -23.65 -25.75
C THR B 267 -42.30 -23.00 -27.04
N GLU B 268 -43.61 -22.78 -27.15
CA GLU B 268 -44.22 -22.10 -28.30
C GLU B 268 -43.56 -20.73 -28.55
N LEU B 269 -43.49 -19.92 -27.50
CA LEU B 269 -42.97 -18.55 -27.60
C LEU B 269 -41.52 -18.51 -28.05
N ILE B 270 -40.66 -19.32 -27.42
CA ILE B 270 -39.25 -19.34 -27.75
C ILE B 270 -39.00 -19.92 -29.15
N ALA B 271 -39.78 -20.92 -29.54
CA ALA B 271 -39.67 -21.49 -30.89
C ALA B 271 -39.91 -20.44 -31.96
N CYS B 272 -40.86 -19.54 -31.71
CA CYS B 272 -41.19 -18.47 -32.66
C CYS B 272 -40.12 -17.40 -32.70
N LEU B 273 -39.56 -17.07 -31.53
CA LEU B 273 -38.43 -16.15 -31.44
C LEU B 273 -37.22 -16.65 -32.23
N ARG B 274 -37.04 -17.97 -32.25
CA ARG B 274 -35.93 -18.57 -32.99
C ARG B 274 -36.03 -18.42 -34.53
N THR B 275 -37.25 -18.28 -35.04
CA THR B 275 -37.46 -18.06 -36.48
C THR B 275 -37.13 -16.63 -36.92
N ARG B 276 -36.98 -15.72 -35.96
CA ARG B 276 -36.77 -14.32 -36.27
C ARG B 276 -35.32 -13.99 -36.63
N PRO B 277 -35.12 -13.27 -37.74
CA PRO B 277 -33.83 -12.65 -38.07
C PRO B 277 -33.28 -11.86 -36.89
N ALA B 278 -31.97 -11.92 -36.70
CA ALA B 278 -31.28 -11.22 -35.61
C ALA B 278 -31.70 -9.76 -35.45
N GLN B 279 -31.70 -9.01 -36.56
CA GLN B 279 -31.97 -7.56 -36.54
C GLN B 279 -33.40 -7.23 -36.11
N ASP B 280 -34.34 -8.15 -36.38
CA ASP B 280 -35.71 -8.04 -35.87
C ASP B 280 -35.72 -7.90 -34.33
N LEU B 281 -34.93 -8.74 -33.65
CA LEU B 281 -34.85 -8.71 -32.18
C LEU B 281 -34.20 -7.43 -31.68
N VAL B 282 -33.03 -7.10 -32.23
CA VAL B 282 -32.31 -5.87 -31.88
C VAL B 282 -33.16 -4.60 -32.11
N ASP B 283 -33.91 -4.57 -33.22
CA ASP B 283 -34.84 -3.47 -33.55
C ASP B 283 -35.70 -3.00 -32.37
N HIS B 284 -36.19 -3.97 -31.58
CA HIS B 284 -37.14 -3.67 -30.50
C HIS B 284 -36.53 -3.79 -29.09
N GLU B 285 -35.23 -4.09 -29.04
CA GLU B 285 -34.52 -4.33 -27.79
C GLU B 285 -34.74 -3.24 -26.75
N TRP B 286 -34.80 -1.99 -27.21
CA TRP B 286 -34.86 -0.83 -26.32
C TRP B 286 -36.29 -0.43 -25.93
N HIS B 287 -37.28 -1.11 -26.49
CA HIS B 287 -38.67 -0.73 -26.27
C HIS B 287 -39.32 -1.48 -25.10
N VAL B 288 -38.54 -2.23 -24.34
CA VAL B 288 -39.09 -3.04 -23.24
C VAL B 288 -38.81 -2.50 -21.83
N LEU B 289 -38.04 -1.42 -21.72
CA LEU B 289 -37.76 -0.84 -20.40
C LEU B 289 -39.02 -0.20 -19.79
N PRO B 290 -39.22 -0.38 -18.46
CA PRO B 290 -40.45 0.10 -17.80
C PRO B 290 -40.55 1.62 -17.68
N GLN B 291 -39.41 2.32 -17.76
CA GLN B 291 -39.35 3.76 -17.57
C GLN B 291 -38.45 4.45 -18.60
N GLU B 292 -38.68 5.75 -18.80
CA GLU B 292 -37.72 6.61 -19.51
C GLU B 292 -36.45 6.70 -18.63
N SER B 293 -35.33 6.17 -19.13
CA SER B 293 -34.15 6.09 -18.29
C SER B 293 -32.83 6.18 -19.05
N ILE B 294 -31.77 6.45 -18.28
CA ILE B 294 -30.38 6.29 -18.74
C ILE B 294 -29.66 5.36 -17.75
N PHE B 295 -28.55 4.78 -18.20
CA PHE B 295 -27.83 3.74 -17.46
C PHE B 295 -28.74 2.58 -17.05
N ARG B 296 -29.62 2.17 -17.96
CA ARG B 296 -30.42 0.96 -17.78
C ARG B 296 -30.46 0.19 -19.08
N PHE B 297 -30.39 -1.13 -18.98
CA PHE B 297 -30.29 -1.98 -20.14
C PHE B 297 -31.32 -3.09 -20.07
N SER B 298 -31.85 -3.47 -21.24
CA SER B 298 -33.05 -4.31 -21.32
C SER B 298 -32.82 -5.76 -20.93
N PHE B 299 -31.68 -6.33 -21.35
CA PHE B 299 -31.39 -7.74 -21.12
C PHE B 299 -30.04 -7.91 -20.45
N VAL B 300 -30.12 -8.29 -19.17
CA VAL B 300 -28.96 -8.36 -18.28
C VAL B 300 -29.07 -9.66 -17.47
N PRO B 301 -28.00 -10.07 -16.77
CA PRO B 301 -28.11 -11.24 -15.92
C PRO B 301 -29.36 -11.23 -15.06
N VAL B 302 -29.96 -12.41 -14.87
CA VAL B 302 -31.20 -12.56 -14.14
C VAL B 302 -30.97 -13.38 -12.85
N VAL B 303 -31.61 -12.98 -11.76
CA VAL B 303 -31.50 -13.75 -10.52
C VAL B 303 -32.36 -15.00 -10.70
N ASP B 304 -31.73 -16.08 -11.16
CA ASP B 304 -32.41 -17.29 -11.60
C ASP B 304 -32.54 -18.38 -10.52
N GLY B 305 -31.88 -18.16 -9.39
CA GLY B 305 -31.74 -19.20 -8.37
C GLY B 305 -30.84 -20.35 -8.79
N ASP B 306 -29.97 -20.11 -9.78
CA ASP B 306 -29.08 -21.14 -10.33
C ASP B 306 -27.64 -20.62 -10.53
N PHE B 307 -27.40 -19.88 -11.62
CA PHE B 307 -26.13 -19.19 -11.78
C PHE B 307 -25.93 -18.28 -10.58
N LEU B 308 -26.92 -17.43 -10.32
CA LEU B 308 -26.98 -16.63 -9.10
C LEU B 308 -28.04 -17.22 -8.18
N SER B 309 -27.63 -17.73 -7.03
CA SER B 309 -28.56 -18.43 -6.13
C SER B 309 -29.43 -17.50 -5.27
N ASP B 310 -29.14 -16.20 -5.33
CA ASP B 310 -29.90 -15.16 -4.66
C ASP B 310 -29.42 -13.84 -5.26
N THR B 311 -29.91 -12.71 -4.77
CA THR B 311 -29.48 -11.42 -5.30
C THR B 311 -28.00 -11.15 -4.97
N PRO B 312 -27.28 -10.45 -5.86
CA PRO B 312 -25.88 -10.09 -5.56
C PRO B 312 -25.78 -9.47 -4.18
N GLU B 313 -26.79 -8.68 -3.83
CA GLU B 313 -26.91 -8.02 -2.53
C GLU B 313 -26.90 -9.05 -1.41
N ALA B 314 -27.77 -10.06 -1.52
CA ALA B 314 -27.83 -11.12 -0.53
C ALA B 314 -26.52 -11.90 -0.47
N LEU B 315 -25.94 -12.21 -1.63
CA LEU B 315 -24.74 -13.03 -1.71
C LEU B 315 -23.47 -12.34 -1.21
N ILE B 316 -23.38 -11.02 -1.38
CA ILE B 316 -22.21 -10.29 -0.87
C ILE B 316 -22.27 -10.09 0.65
N ASN B 317 -23.47 -9.93 1.21
CA ASN B 317 -23.64 -9.79 2.66
C ASN B 317 -23.27 -11.07 3.40
N THR B 318 -23.46 -12.21 2.75
CA THR B 318 -23.40 -13.51 3.44
C THR B 318 -22.24 -14.43 3.02
N GLY B 319 -21.46 -14.04 2.02
CA GLY B 319 -20.38 -14.89 1.51
C GLY B 319 -19.15 -15.00 2.40
N ASP B 320 -18.29 -15.95 2.07
CA ASP B 320 -16.97 -16.08 2.70
C ASP B 320 -15.92 -15.85 1.61
N PHE B 321 -15.21 -14.72 1.71
CA PHE B 321 -14.27 -14.33 0.66
C PHE B 321 -12.84 -14.32 1.17
N GLN B 322 -12.56 -15.20 2.13
CA GLN B 322 -11.30 -15.17 2.87
C GLN B 322 -10.06 -15.52 2.03
N ASP B 323 -10.18 -16.38 1.04
CA ASP B 323 -9.02 -16.65 0.18
C ASP B 323 -9.11 -15.93 -1.18
N LEU B 324 -9.56 -14.69 -1.14
CA LEU B 324 -9.78 -13.88 -2.33
C LEU B 324 -9.06 -12.54 -2.28
N GLN B 325 -8.43 -12.19 -3.41
CA GLN B 325 -7.83 -10.88 -3.62
C GLN B 325 -8.60 -10.12 -4.69
N VAL B 326 -8.92 -8.85 -4.42
CA VAL B 326 -9.70 -8.02 -5.34
C VAL B 326 -9.11 -6.62 -5.50
N LEU B 327 -8.91 -6.20 -6.74
CA LEU B 327 -8.56 -4.82 -7.09
C LEU B 327 -9.81 -4.16 -7.68
N VAL B 328 -10.18 -3.00 -7.14
CA VAL B 328 -11.46 -2.38 -7.48
C VAL B 328 -11.29 -0.87 -7.58
N GLY B 329 -12.07 -0.21 -8.45
CA GLY B 329 -12.00 1.23 -8.59
C GLY B 329 -12.97 1.90 -9.52
N VAL B 330 -12.89 3.24 -9.55
CA VAL B 330 -13.77 4.09 -10.35
C VAL B 330 -12.95 5.14 -11.09
N VAL B 331 -13.53 5.76 -12.11
CA VAL B 331 -12.92 6.95 -12.74
C VAL B 331 -13.58 8.19 -12.16
N LYS B 332 -13.04 9.37 -12.46
CA LYS B 332 -13.44 10.60 -11.78
C LYS B 332 -14.86 11.07 -12.10
N ASP B 333 -15.34 10.77 -13.30
CA ASP B 333 -16.62 11.29 -13.77
C ASP B 333 -17.42 10.18 -14.41
N GLU B 334 -17.84 9.24 -13.58
CA GLU B 334 -18.50 8.03 -14.04
C GLU B 334 -19.78 8.29 -14.81
N GLY B 335 -20.47 9.38 -14.50
CA GLY B 335 -21.79 9.59 -15.08
C GLY B 335 -21.95 10.50 -16.29
N SER B 336 -20.92 11.27 -16.62
CA SER B 336 -21.01 12.31 -17.65
C SER B 336 -21.39 11.74 -19.03
N TYR B 337 -20.72 10.66 -19.39
CA TYR B 337 -20.95 9.92 -20.63
C TYR B 337 -22.43 9.70 -20.96
N PHE B 338 -23.19 9.31 -19.94
CA PHE B 338 -24.55 8.78 -20.11
C PHE B 338 -25.58 9.86 -20.25
N LEU B 339 -25.20 11.07 -19.86
CA LEU B 339 -26.13 12.18 -19.81
C LEU B 339 -26.61 12.57 -21.20
N VAL B 340 -25.72 12.45 -22.19
CA VAL B 340 -26.01 12.87 -23.57
C VAL B 340 -26.95 11.91 -24.32
N TYR B 341 -27.22 10.76 -23.70
CA TYR B 341 -28.03 9.73 -24.31
C TYR B 341 -29.48 9.75 -23.86
N GLY B 342 -29.93 10.82 -23.23
CA GLY B 342 -31.33 10.88 -22.80
C GLY B 342 -31.78 12.03 -21.94
N VAL B 343 -30.86 12.68 -21.23
CA VAL B 343 -31.21 13.81 -20.36
C VAL B 343 -31.29 15.11 -21.16
N PRO B 344 -32.49 15.73 -21.21
CA PRO B 344 -32.62 16.97 -21.97
C PRO B 344 -31.68 18.07 -21.43
N GLY B 345 -31.05 18.79 -22.36
CA GLY B 345 -30.10 19.85 -22.04
C GLY B 345 -28.65 19.49 -22.23
N PHE B 346 -28.36 18.21 -22.47
CA PHE B 346 -26.98 17.71 -22.52
C PHE B 346 -26.57 17.28 -23.91
N SER B 347 -25.36 17.68 -24.30
CA SER B 347 -24.80 17.41 -25.64
C SER B 347 -23.28 17.48 -25.55
N LYS B 348 -22.59 16.81 -26.47
CA LYS B 348 -21.13 16.90 -26.55
C LYS B 348 -20.70 18.18 -27.29
N ASP B 349 -21.60 18.73 -28.10
CA ASP B 349 -21.27 19.86 -28.98
C ASP B 349 -21.38 21.24 -28.31
N ASN B 350 -21.70 21.27 -27.01
CA ASN B 350 -21.70 22.49 -26.20
C ASN B 350 -21.40 22.26 -24.71
N GLU B 351 -21.37 23.35 -23.96
CA GLU B 351 -20.99 23.37 -22.55
C GLU B 351 -21.99 22.67 -21.62
N SER B 352 -23.20 22.40 -22.11
CA SER B 352 -24.27 21.75 -21.36
C SER B 352 -24.55 22.39 -19.98
N LEU B 353 -24.76 23.69 -19.99
CA LEU B 353 -25.12 24.40 -18.77
C LEU B 353 -26.64 24.38 -18.66
N ILE B 354 -27.15 23.69 -17.64
CA ILE B 354 -28.59 23.45 -17.51
C ILE B 354 -29.25 24.33 -16.45
N SER B 355 -30.58 24.30 -16.43
CA SER B 355 -31.39 25.02 -15.43
C SER B 355 -31.72 24.10 -14.25
N ARG B 356 -32.34 24.66 -13.21
CA ARG B 356 -32.86 23.84 -12.11
C ARG B 356 -33.98 22.91 -12.58
N ALA B 357 -34.90 23.46 -13.35
CA ALA B 357 -35.97 22.68 -13.96
C ALA B 357 -35.38 21.44 -14.63
N GLN B 358 -34.37 21.67 -15.45
CA GLN B 358 -33.70 20.61 -16.20
C GLN B 358 -32.98 19.62 -15.29
N PHE B 359 -32.48 20.12 -14.16
CA PHE B 359 -31.82 19.25 -13.18
C PHE B 359 -32.82 18.32 -12.48
N LEU B 360 -33.97 18.86 -12.05
CA LEU B 360 -35.00 18.04 -11.40
C LEU B 360 -35.49 16.94 -12.35
N ALA B 361 -35.70 17.30 -13.60
CA ALA B 361 -36.23 16.38 -14.62
C ALA B 361 -35.23 15.31 -15.02
N GLY B 362 -33.95 15.68 -15.03
CA GLY B 362 -32.85 14.72 -15.25
C GLY B 362 -32.66 13.72 -14.13
N VAL B 363 -32.95 14.13 -12.90
CA VAL B 363 -32.94 13.22 -11.75
C VAL B 363 -33.97 12.09 -11.88
N ARG B 364 -35.18 12.40 -12.36
CA ARG B 364 -36.24 11.38 -12.54
C ARG B 364 -35.85 10.34 -13.58
N ILE B 365 -35.06 10.75 -14.56
CA ILE B 365 -34.59 9.87 -15.61
C ILE B 365 -33.36 9.10 -15.12
N GLY B 366 -32.51 9.78 -14.36
CA GLY B 366 -31.28 9.18 -13.81
C GLY B 366 -31.53 8.20 -12.67
N VAL B 367 -32.61 8.42 -11.93
CA VAL B 367 -33.03 7.53 -10.86
C VAL B 367 -34.47 7.13 -11.16
N PRO B 368 -34.65 6.26 -12.18
CA PRO B 368 -35.98 5.94 -12.72
C PRO B 368 -36.89 5.27 -11.72
N GLN B 369 -36.29 4.62 -10.72
CA GLN B 369 -37.06 3.90 -9.72
C GLN B 369 -37.49 4.79 -8.57
N ALA B 370 -37.04 6.05 -8.56
CA ALA B 370 -37.32 6.97 -7.45
C ALA B 370 -38.77 7.46 -7.38
N SER B 371 -39.33 7.43 -6.18
CA SER B 371 -40.63 8.05 -5.94
C SER B 371 -40.45 9.57 -5.85
N ASP B 372 -41.55 10.31 -5.85
CA ASP B 372 -41.48 11.77 -5.73
C ASP B 372 -40.57 12.20 -4.57
N LEU B 373 -40.82 11.65 -3.39
CA LEU B 373 -40.07 12.01 -2.18
C LEU B 373 -38.57 11.73 -2.31
N ALA B 374 -38.24 10.54 -2.81
CA ALA B 374 -36.84 10.11 -2.95
C ALA B 374 -36.07 10.97 -3.95
N ALA B 375 -36.74 11.40 -5.00
CA ALA B 375 -36.16 12.26 -6.02
C ALA B 375 -35.84 13.63 -5.46
N GLU B 376 -36.75 14.18 -4.67
CA GLU B 376 -36.50 15.47 -4.06
C GLU B 376 -35.41 15.35 -2.98
N ALA B 377 -35.34 14.21 -2.30
CA ALA B 377 -34.22 13.93 -1.40
C ALA B 377 -32.90 13.95 -2.15
N VAL B 378 -32.87 13.34 -3.34
CA VAL B 378 -31.71 13.38 -4.22
C VAL B 378 -31.36 14.82 -4.61
N VAL B 379 -32.35 15.57 -5.07
CA VAL B 379 -32.14 16.96 -5.50
C VAL B 379 -31.61 17.81 -4.35
N LEU B 380 -32.28 17.73 -3.21
CA LEU B 380 -31.90 18.52 -2.06
C LEU B 380 -30.48 18.18 -1.61
N HIS B 381 -30.11 16.91 -1.75
CA HIS B 381 -28.78 16.45 -1.36
C HIS B 381 -27.64 16.88 -2.30
N TYR B 382 -27.93 17.01 -3.59
CA TYR B 382 -26.91 17.39 -4.55
C TYR B 382 -26.91 18.86 -4.94
N THR B 383 -27.87 19.62 -4.43
CA THR B 383 -27.89 21.05 -4.67
C THR B 383 -26.78 21.70 -3.84
N ASP B 384 -26.13 22.71 -4.42
CA ASP B 384 -25.26 23.61 -3.68
C ASP B 384 -26.10 24.80 -3.19
N TRP B 385 -26.43 24.81 -1.90
CA TRP B 385 -27.36 25.82 -1.39
C TRP B 385 -26.80 27.25 -1.32
N LEU B 386 -25.50 27.36 -1.58
CA LEU B 386 -24.85 28.66 -1.75
C LEU B 386 -25.04 29.20 -3.17
N HIS B 387 -25.15 28.27 -4.12
CA HIS B 387 -25.33 28.57 -5.53
C HIS B 387 -26.41 27.63 -6.11
N PRO B 388 -27.65 27.74 -5.61
CA PRO B 388 -28.70 26.78 -5.97
C PRO B 388 -29.08 26.75 -7.45
N GLU B 389 -28.80 27.84 -8.18
CA GLU B 389 -29.23 27.98 -9.58
C GLU B 389 -28.09 28.20 -10.57
N ASP B 390 -26.85 28.02 -10.11
CA ASP B 390 -25.68 28.14 -10.97
C ASP B 390 -25.61 26.97 -11.93
N PRO B 391 -25.62 27.24 -13.25
CA PRO B 391 -25.71 26.20 -14.28
C PRO B 391 -24.53 25.23 -14.36
N THR B 392 -23.33 25.68 -13.95
CA THR B 392 -22.13 24.81 -13.93
C THR B 392 -22.21 23.75 -12.82
N HIS B 393 -22.63 24.15 -11.61
CA HIS B 393 -22.82 23.18 -10.52
C HIS B 393 -23.93 22.20 -10.87
N LEU B 394 -25.05 22.72 -11.39
CA LEU B 394 -26.21 21.90 -11.77
C LEU B 394 -25.85 20.81 -12.78
N ARG B 395 -25.01 21.16 -13.74
CA ARG B 395 -24.52 20.19 -14.71
C ARG B 395 -23.61 19.15 -14.08
N ASP B 396 -22.59 19.60 -13.34
CA ASP B 396 -21.66 18.68 -12.66
C ASP B 396 -22.37 17.76 -11.66
N ALA B 397 -23.43 18.27 -11.03
CA ALA B 397 -24.20 17.51 -10.03
C ALA B 397 -25.05 16.41 -10.66
N MET B 398 -25.64 16.73 -11.82
CA MET B 398 -26.38 15.75 -12.62
C MET B 398 -25.48 14.59 -13.03
N SER B 399 -24.27 14.92 -13.48
CA SER B 399 -23.22 13.94 -13.75
C SER B 399 -22.87 13.12 -12.51
N ALA B 400 -22.72 13.80 -11.37
CA ALA B 400 -22.44 13.14 -10.09
C ALA B 400 -23.57 12.21 -9.63
N VAL B 401 -24.82 12.63 -9.78
CA VAL B 401 -25.98 11.78 -9.43
C VAL B 401 -25.92 10.41 -10.13
N VAL B 402 -25.68 10.44 -11.44
CA VAL B 402 -25.68 9.23 -12.25
C VAL B 402 -24.48 8.33 -11.91
N GLY B 403 -23.28 8.92 -11.85
CA GLY B 403 -22.07 8.17 -11.51
C GLY B 403 -22.12 7.51 -10.14
N ASP B 404 -22.63 8.24 -9.14
CA ASP B 404 -22.65 7.78 -7.76
C ASP B 404 -23.65 6.65 -7.58
N HIS B 405 -24.85 6.84 -8.12
CA HIS B 405 -25.94 5.89 -7.99
C HIS B 405 -25.60 4.57 -8.71
N ASN B 406 -24.90 4.68 -9.82
CA ASN B 406 -24.67 3.53 -10.70
C ASN B 406 -23.34 2.81 -10.57
N VAL B 407 -22.30 3.53 -10.14
CA VAL B 407 -20.96 2.96 -10.06
C VAL B 407 -20.27 3.18 -8.70
N VAL B 408 -20.00 4.45 -8.35
CA VAL B 408 -19.16 4.76 -7.19
C VAL B 408 -19.72 4.16 -5.89
N CYS B 409 -21.00 4.34 -5.63
CA CYS B 409 -21.57 3.85 -4.38
C CYS B 409 -21.79 2.33 -4.38
N PRO B 410 -22.29 1.76 -5.50
CA PRO B 410 -22.20 0.31 -5.63
C PRO B 410 -20.77 -0.26 -5.42
N VAL B 411 -19.75 0.40 -5.93
CA VAL B 411 -18.35 -0.01 -5.71
C VAL B 411 -17.93 0.08 -4.23
N ALA B 412 -18.29 1.18 -3.57
CA ALA B 412 -17.97 1.36 -2.14
C ALA B 412 -18.62 0.31 -1.27
N GLN B 413 -19.88 0.01 -1.55
CA GLN B 413 -20.63 -1.07 -0.94
C GLN B 413 -19.95 -2.45 -1.11
N LEU B 414 -19.54 -2.77 -2.34
CA LEU B 414 -18.87 -4.02 -2.61
C LEU B 414 -17.53 -4.12 -1.87
N ALA B 415 -16.73 -3.04 -1.93
CA ALA B 415 -15.41 -3.02 -1.31
C ALA B 415 -15.51 -3.29 0.19
N GLY B 416 -16.50 -2.64 0.82
CA GLY B 416 -16.72 -2.77 2.24
C GLY B 416 -17.16 -4.17 2.61
N ARG B 417 -18.07 -4.76 1.84
CA ARG B 417 -18.60 -6.08 2.18
C ARG B 417 -17.53 -7.17 2.05
N LEU B 418 -16.78 -7.14 0.94
CA LEU B 418 -15.67 -8.08 0.72
C LEU B 418 -14.57 -7.93 1.78
N ALA B 419 -14.22 -6.71 2.16
CA ALA B 419 -13.19 -6.53 3.19
C ALA B 419 -13.64 -7.09 4.53
N ALA B 420 -14.88 -6.80 4.89
CA ALA B 420 -15.53 -7.29 6.11
C ALA B 420 -15.61 -8.81 6.14
N GLN B 421 -15.86 -9.39 4.97
CA GLN B 421 -16.02 -10.83 4.78
C GLN B 421 -14.69 -11.57 4.60
N GLY B 422 -13.58 -10.92 4.92
CA GLY B 422 -12.25 -11.56 4.92
C GLY B 422 -11.41 -11.46 3.66
N ALA B 423 -11.91 -10.79 2.63
CA ALA B 423 -11.17 -10.60 1.38
C ALA B 423 -10.08 -9.55 1.49
N ARG B 424 -9.11 -9.64 0.59
CA ARG B 424 -8.05 -8.64 0.47
C ARG B 424 -8.45 -7.69 -0.66
N VAL B 425 -8.71 -6.44 -0.30
CA VAL B 425 -9.24 -5.44 -1.24
C VAL B 425 -8.27 -4.29 -1.43
N TYR B 426 -8.10 -3.87 -2.69
CA TYR B 426 -7.35 -2.65 -3.05
C TYR B 426 -8.25 -1.76 -3.90
N ALA B 427 -8.31 -0.48 -3.56
CA ALA B 427 -9.25 0.43 -4.22
C ALA B 427 -8.55 1.63 -4.83
N TYR B 428 -9.13 2.17 -5.90
CA TYR B 428 -8.56 3.32 -6.58
C TYR B 428 -9.61 4.26 -7.15
N ILE B 429 -9.19 5.50 -7.41
CA ILE B 429 -9.93 6.41 -8.26
C ILE B 429 -8.99 6.88 -9.36
N PHE B 430 -9.46 6.85 -10.60
CA PHE B 430 -8.65 7.17 -11.76
C PHE B 430 -8.95 8.59 -12.24
N GLU B 431 -7.94 9.46 -12.22
CA GLU B 431 -8.17 10.91 -12.35
C GLU B 431 -7.50 11.60 -13.55
N HIS B 432 -6.76 10.83 -14.33
CA HIS B 432 -6.08 11.42 -15.48
C HIS B 432 -6.94 11.36 -16.75
N ARG B 433 -7.19 12.53 -17.34
CA ARG B 433 -7.91 12.62 -18.59
C ARG B 433 -6.93 12.61 -19.75
N ALA B 434 -7.11 11.67 -20.68
CA ALA B 434 -6.22 11.50 -21.82
C ALA B 434 -6.15 12.76 -22.66
N SER B 435 -4.93 13.17 -23.01
CA SER B 435 -4.69 14.31 -23.88
C SER B 435 -5.42 14.21 -25.23
N THR B 436 -5.58 12.97 -25.72
CA THR B 436 -6.14 12.67 -27.03
C THR B 436 -7.68 12.51 -27.07
N LEU B 437 -8.33 12.71 -25.92
CA LEU B 437 -9.78 12.53 -25.76
C LEU B 437 -10.62 13.48 -26.63
N THR B 438 -11.65 12.94 -27.28
CA THR B 438 -12.47 13.70 -28.24
C THR B 438 -13.76 14.27 -27.63
N TRP B 439 -14.15 13.75 -26.48
CA TRP B 439 -15.27 14.28 -25.70
C TRP B 439 -14.92 15.66 -25.15
N PRO B 440 -15.92 16.56 -24.96
CA PRO B 440 -15.64 17.90 -24.45
C PRO B 440 -15.07 17.89 -23.03
N LEU B 441 -14.49 19.01 -22.60
CA LEU B 441 -13.84 19.10 -21.31
C LEU B 441 -14.78 18.85 -20.13
N TRP B 442 -16.01 19.33 -20.22
CA TRP B 442 -16.95 19.23 -19.10
C TRP B 442 -17.20 17.79 -18.65
N MET B 443 -16.91 16.83 -19.53
CA MET B 443 -17.13 15.43 -19.21
C MET B 443 -16.01 14.87 -18.34
N GLY B 444 -14.90 15.61 -18.24
CA GLY B 444 -13.75 15.20 -17.43
C GLY B 444 -13.13 13.89 -17.86
N VAL B 445 -13.09 12.94 -16.92
CA VAL B 445 -12.59 11.59 -17.18
C VAL B 445 -13.83 10.69 -17.22
N PRO B 446 -14.34 10.40 -18.42
CA PRO B 446 -15.59 9.67 -18.56
C PRO B 446 -15.42 8.18 -18.33
N HIS B 447 -16.53 7.54 -17.97
CA HIS B 447 -16.67 6.09 -17.92
C HIS B 447 -15.99 5.47 -19.16
N GLY B 448 -14.97 4.65 -18.91
CA GLY B 448 -14.30 3.89 -19.97
C GLY B 448 -12.88 4.31 -20.32
N TYR B 449 -12.47 5.51 -19.91
CA TYR B 449 -11.22 6.09 -20.44
C TYR B 449 -9.92 5.84 -19.62
N GLU B 450 -9.99 4.87 -18.71
CA GLU B 450 -8.78 4.33 -18.08
C GLU B 450 -8.30 3.09 -18.85
N ILE B 451 -9.19 2.44 -19.59
CA ILE B 451 -8.84 1.18 -20.24
C ILE B 451 -7.61 1.32 -21.12
N GLU B 452 -7.58 2.31 -22.01
CA GLU B 452 -6.46 2.48 -22.91
C GLU B 452 -5.10 2.58 -22.19
N PHE B 453 -5.09 3.03 -20.94
CA PHE B 453 -3.87 3.18 -20.15
C PHE B 453 -3.44 1.88 -19.50
N ILE B 454 -4.40 1.13 -18.97
CA ILE B 454 -4.14 -0.16 -18.35
C ILE B 454 -3.59 -1.12 -19.40
N PHE B 455 -4.17 -1.11 -20.60
CA PHE B 455 -3.67 -1.95 -21.71
C PHE B 455 -2.36 -1.47 -22.34
N GLY B 456 -1.96 -0.24 -22.01
CA GLY B 456 -0.65 0.28 -22.38
C GLY B 456 -0.52 0.93 -23.74
N LEU B 457 -1.65 1.32 -24.31
CA LEU B 457 -1.67 1.92 -25.65
C LEU B 457 -0.75 3.13 -25.86
N PRO B 458 -0.63 4.02 -24.86
CA PRO B 458 0.28 5.17 -25.04
C PRO B 458 1.73 4.82 -25.38
N LEU B 459 2.10 3.55 -25.30
CA LEU B 459 3.45 3.10 -25.66
C LEU B 459 3.68 3.02 -27.17
N ASP B 460 2.58 2.99 -27.93
CA ASP B 460 2.61 3.12 -29.39
C ASP B 460 2.86 4.60 -29.70
N PRO B 461 4.03 4.92 -30.28
CA PRO B 461 4.36 6.33 -30.47
C PRO B 461 3.45 6.98 -31.52
N SER B 462 3.00 6.18 -32.48
CA SER B 462 2.11 6.63 -33.55
C SER B 462 0.72 7.06 -33.05
N LEU B 463 0.40 6.79 -31.79
CA LEU B 463 -0.90 7.17 -31.24
C LEU B 463 -0.96 8.59 -30.67
N ASN B 464 0.20 9.26 -30.63
CA ASN B 464 0.29 10.68 -30.26
C ASN B 464 -0.03 11.05 -28.78
N TYR B 465 0.11 10.09 -27.87
CA TYR B 465 0.09 10.39 -26.41
C TYR B 465 1.39 11.09 -25.99
N THR B 466 1.33 11.86 -24.91
CA THR B 466 2.50 12.56 -24.39
C THR B 466 3.50 11.60 -23.76
N THR B 467 4.69 12.12 -23.44
CA THR B 467 5.75 11.35 -22.79
C THR B 467 5.36 10.96 -21.36
N GLU B 468 4.72 11.89 -20.65
CA GLU B 468 4.23 11.67 -19.30
C GLU B 468 3.19 10.53 -19.24
N GLU B 469 2.36 10.45 -20.26
CA GLU B 469 1.31 9.44 -20.35
C GLU B 469 1.85 8.05 -20.66
N ARG B 470 3.03 7.97 -21.29
CA ARG B 470 3.67 6.68 -21.51
C ARG B 470 4.22 6.12 -20.19
N ILE B 471 4.92 6.97 -19.44
CA ILE B 471 5.42 6.62 -18.10
C ILE B 471 4.28 6.20 -17.16
N PHE B 472 3.17 6.93 -17.20
CA PHE B 472 1.95 6.61 -16.46
C PHE B 472 1.38 5.23 -16.85
N ALA B 473 1.18 5.01 -18.15
CA ALA B 473 0.71 3.71 -18.63
C ALA B 473 1.61 2.57 -18.14
N GLN B 474 2.91 2.82 -18.10
CA GLN B 474 3.86 1.84 -17.60
C GLN B 474 3.68 1.55 -16.09
N ARG B 475 3.37 2.61 -15.32
CA ARG B 475 3.07 2.45 -13.90
C ARG B 475 1.84 1.56 -13.73
N LEU B 476 0.78 1.85 -14.48
CA LEU B 476 -0.47 1.12 -14.31
C LEU B 476 -0.35 -0.33 -14.75
N MET B 477 0.31 -0.56 -15.88
CA MET B 477 0.56 -1.92 -16.34
C MET B 477 1.28 -2.74 -15.27
N LYS B 478 2.11 -2.07 -14.48
CA LYS B 478 2.81 -2.71 -13.37
C LYS B 478 1.91 -3.04 -12.18
N TYR B 479 1.06 -2.10 -11.79
CA TYR B 479 0.16 -2.35 -10.67
C TYR B 479 -0.72 -3.56 -11.02
N TRP B 480 -1.32 -3.53 -12.21
CA TRP B 480 -2.20 -4.60 -12.68
C TRP B 480 -1.56 -5.99 -12.79
N THR B 481 -0.38 -6.09 -13.38
CA THR B 481 0.28 -7.40 -13.49
C THR B 481 0.96 -7.82 -12.20
N ASN B 482 1.36 -6.85 -11.38
CA ASN B 482 1.88 -7.17 -10.05
C ASN B 482 0.79 -7.80 -9.22
N PHE B 483 -0.41 -7.25 -9.37
CA PHE B 483 -1.59 -7.79 -8.72
C PHE B 483 -1.89 -9.21 -9.22
N ALA B 484 -1.78 -9.43 -10.53
CA ALA B 484 -2.04 -10.75 -11.11
C ALA B 484 -1.05 -11.80 -10.63
N ARG B 485 0.22 -11.38 -10.50
CA ARG B 485 1.31 -12.26 -10.05
C ARG B 485 1.18 -12.68 -8.60
N THR B 486 0.70 -11.78 -7.73
CA THR B 486 0.85 -11.94 -6.27
C THR B 486 -0.39 -11.63 -5.42
N GLY B 487 -1.35 -10.91 -5.98
CA GLY B 487 -2.52 -10.45 -5.22
C GLY B 487 -2.26 -9.12 -4.54
N ASP B 488 -1.16 -8.47 -4.91
CA ASP B 488 -0.70 -7.23 -4.29
C ASP B 488 -0.11 -6.35 -5.40
N PRO B 489 -0.69 -5.16 -5.64
CA PRO B 489 -0.24 -4.33 -6.76
C PRO B 489 1.07 -3.60 -6.49
N ASN B 490 1.61 -3.76 -5.29
CA ASN B 490 2.86 -3.10 -4.92
C ASN B 490 4.07 -3.81 -5.48
N ASP B 491 5.04 -3.01 -5.92
CA ASP B 491 6.27 -3.50 -6.53
C ASP B 491 7.16 -4.15 -5.44
N PRO B 492 7.26 -5.50 -5.43
CA PRO B 492 7.79 -6.28 -4.29
C PRO B 492 9.29 -6.15 -4.01
N ARG B 493 10.05 -5.55 -4.93
CA ARG B 493 11.50 -5.35 -4.73
C ARG B 493 11.87 -3.87 -4.70
N ASP B 494 11.03 -3.05 -5.35
CA ASP B 494 11.15 -1.59 -5.26
C ASP B 494 10.69 -1.12 -3.88
N SER B 495 11.48 -0.25 -3.26
CA SER B 495 11.09 0.32 -1.97
C SER B 495 10.05 1.43 -2.15
N LYS B 496 10.48 2.67 -1.90
CA LYS B 496 9.64 3.89 -1.89
C LYS B 496 8.22 3.79 -1.28
N SER B 497 8.06 4.50 -0.16
CA SER B 497 6.75 4.98 0.28
C SER B 497 6.35 6.13 -0.67
N PRO B 498 5.05 6.22 -1.03
CA PRO B 498 3.94 5.53 -0.40
C PRO B 498 3.56 4.20 -1.05
N GLN B 499 3.21 3.25 -0.20
CA GLN B 499 2.67 1.96 -0.61
C GLN B 499 1.17 2.11 -0.79
N TRP B 500 0.61 1.32 -1.70
CA TRP B 500 -0.83 1.19 -1.87
C TRP B 500 -1.41 0.30 -0.75
N PRO B 501 -2.14 0.90 0.22
CA PRO B 501 -2.63 0.07 1.32
C PRO B 501 -3.91 -0.66 0.97
N PRO B 502 -4.15 -1.82 1.61
CA PRO B 502 -5.46 -2.49 1.40
C PRO B 502 -6.64 -1.65 1.91
N TYR B 503 -7.77 -1.76 1.21
CA TYR B 503 -9.03 -1.16 1.63
C TYR B 503 -9.61 -1.99 2.78
N THR B 504 -9.97 -1.31 3.87
CA THR B 504 -10.58 -1.93 5.05
C THR B 504 -11.84 -1.14 5.39
N THR B 505 -12.81 -1.76 6.05
CA THR B 505 -14.03 -1.02 6.44
C THR B 505 -13.75 0.11 7.45
N ALA B 506 -12.79 -0.10 8.36
CA ALA B 506 -12.40 0.92 9.35
C ALA B 506 -11.73 2.16 8.72
N ALA B 507 -10.53 1.98 8.17
CA ALA B 507 -9.75 3.07 7.59
C ALA B 507 -10.19 3.52 6.20
N GLN B 508 -10.82 2.63 5.44
CA GLN B 508 -11.31 2.93 4.08
C GLN B 508 -10.29 3.61 3.15
N GLN B 509 -9.05 3.13 3.15
CA GLN B 509 -8.00 3.72 2.34
C GLN B 509 -8.05 3.29 0.87
N TYR B 510 -7.87 4.27 0.00
CA TYR B 510 -7.75 4.03 -1.43
C TYR B 510 -6.70 4.98 -2.02
N VAL B 511 -6.25 4.72 -3.25
CA VAL B 511 -5.25 5.60 -3.87
C VAL B 511 -5.79 6.30 -5.11
N SER B 512 -5.24 7.46 -5.41
CA SER B 512 -5.59 8.14 -6.65
C SER B 512 -4.56 7.80 -7.74
N LEU B 513 -5.06 7.42 -8.91
CA LEU B 513 -4.18 7.12 -10.03
C LEU B 513 -4.20 8.31 -10.99
N ASN B 514 -3.08 9.03 -11.04
CA ASN B 514 -2.90 10.14 -11.98
C ASN B 514 -1.41 10.31 -12.28
N LEU B 515 -1.05 11.43 -12.91
CA LEU B 515 0.34 11.66 -13.29
C LEU B 515 1.27 11.86 -12.11
N LYS B 516 0.74 12.40 -11.01
CA LYS B 516 1.47 12.57 -9.75
C LYS B 516 1.66 11.20 -9.06
N PRO B 517 2.70 11.06 -8.20
CA PRO B 517 2.89 9.82 -7.42
C PRO B 517 1.68 9.47 -6.56
N LEU B 518 1.51 8.19 -6.21
CA LEU B 518 0.34 7.74 -5.45
C LEU B 518 0.05 8.60 -4.21
N GLU B 519 -1.22 8.93 -4.04
CA GLU B 519 -1.69 9.58 -2.82
C GLU B 519 -2.74 8.69 -2.15
N VAL B 520 -2.57 8.44 -0.84
CA VAL B 520 -3.53 7.67 -0.05
C VAL B 520 -4.63 8.59 0.48
N ARG B 521 -5.88 8.28 0.16
CA ARG B 521 -7.03 9.03 0.67
C ARG B 521 -7.91 8.11 1.50
N ARG B 522 -8.79 8.69 2.30
CA ARG B 522 -9.67 7.89 3.15
C ARG B 522 -11.13 8.20 2.87
N GLY B 523 -11.90 7.16 2.56
CA GLY B 523 -13.35 7.25 2.47
C GLY B 523 -13.82 7.62 1.08
N LEU B 524 -14.39 6.64 0.38
CA LEU B 524 -14.77 6.77 -1.01
C LEU B 524 -16.18 7.35 -1.15
N ARG B 525 -16.28 8.67 -1.22
CA ARG B 525 -17.55 9.39 -1.15
C ARG B 525 -18.40 8.90 0.02
N ALA B 526 -17.80 8.84 1.21
CA ALA B 526 -18.40 8.25 2.40
C ALA B 526 -19.74 8.85 2.85
N GLN B 527 -19.85 10.17 2.94
CA GLN B 527 -21.13 10.80 3.31
C GLN B 527 -22.16 10.55 2.20
N THR B 528 -21.78 10.86 0.97
CA THR B 528 -22.69 10.71 -0.16
C THR B 528 -23.20 9.27 -0.33
N CYS B 529 -22.31 8.29 -0.20
CA CYS B 529 -22.71 6.87 -0.36
C CYS B 529 -23.57 6.34 0.79
N ALA B 530 -23.39 6.89 1.99
CA ALA B 530 -24.34 6.61 3.08
C ALA B 530 -25.77 7.00 2.70
N PHE B 531 -25.93 8.10 1.97
CA PHE B 531 -27.22 8.48 1.45
C PHE B 531 -27.79 7.41 0.48
N TRP B 532 -26.98 6.97 -0.48
CA TRP B 532 -27.45 6.00 -1.49
C TRP B 532 -27.55 4.57 -0.99
N ASN B 533 -26.68 4.18 -0.05
CA ASN B 533 -26.62 2.78 0.41
C ASN B 533 -27.39 2.50 1.70
N ARG B 534 -27.49 3.51 2.57
CA ARG B 534 -28.20 3.35 3.84
C ARG B 534 -29.57 4.00 3.88
N PHE B 535 -29.67 5.25 3.43
CA PHE B 535 -30.93 5.98 3.60
C PHE B 535 -31.97 5.76 2.52
N LEU B 536 -31.54 5.86 1.26
CA LEU B 536 -32.48 5.77 0.16
C LEU B 536 -33.31 4.48 0.13
N PRO B 537 -32.68 3.29 0.32
CA PRO B 537 -33.45 2.05 0.47
C PRO B 537 -34.56 2.09 1.52
N LYS B 538 -34.30 2.73 2.66
CA LYS B 538 -35.31 2.87 3.71
C LYS B 538 -36.49 3.73 3.25
N LEU B 539 -36.21 4.69 2.38
CA LEU B 539 -37.20 5.65 1.90
C LEU B 539 -38.08 5.04 0.83
N LEU B 540 -37.52 4.11 0.06
CA LEU B 540 -38.28 3.38 -0.95
C LEU B 540 -39.06 2.22 -0.31
N SER B 541 -38.43 1.50 0.62
CA SER B 541 -39.11 0.44 1.38
C SER B 541 -40.05 1.05 2.44
N ALA B 542 -40.75 2.10 2.01
CA ALA B 542 -41.83 2.77 2.73
C ALA B 542 -42.47 3.77 1.74
N THR B 543 -41.92 3.77 0.52
CA THR B 543 -42.34 4.63 -0.62
C THR B 543 -42.33 6.14 -0.31
#